data_3GV5
#
_entry.id   3GV5
#
_cell.length_a   140.160
_cell.length_b   71.750
_cell.length_c   127.420
_cell.angle_alpha   90.00
_cell.angle_beta   112.53
_cell.angle_gamma   90.00
#
_symmetry.space_group_name_H-M   'C 1 2 1'
#
loop_
_entity.id
_entity.type
_entity.pdbx_description
1 polymer 'DNA polymerase iota'
2 polymer "5'-D(*GP*TP*GP*GP*AP*TP*GP*AP*G)-3'"
3 polymer "5'-D(P*CP*AP*TP*TP*CP*TP*CP*AP*TP*CP*CP*AP*C)-3'"
4 non-polymer 'CALCIUM ION'
5 non-polymer GLYCEROL
6 non-polymer "2',3'-DIDEOXYADENOSINE-5'-DIPHOSPHATE"
7 water water
#
loop_
_entity_poly.entity_id
_entity_poly.type
_entity_poly.pdbx_seq_one_letter_code
_entity_poly.pdbx_strand_id
1 'polypeptide(L)'
;(MSE)ELADVGAAASSQGVHDQVLPTPNASSRVIVHVDLDCFYAQVE(MSE)ISNPELKDKPLGVQQKYLVVTCNYEARK
LGVKKL(MSE)NVRDAKEKCPQLVLVNGEDLTRYRE(MSE)SYKVTELLEEFSPVVERLGFDENFVDLTE(MSE)VEKRL
QQLQSDELSAVTVSGHVYNNQSINLLDVLHIRLLVGSQIAAE(MSE)REA(MSE)YNQLGLTGCAGVASNKLLAKLVSGV
FKPNQQTVLLPESCQHLIHSLNHIKEIPGIGYKTAKCLEALGINSVRDLQTFSPKILEKELGISVAQRIQKLSFGEDNSP
VILSGPPQSFSEEDSFKKCSSEVEAKNKIEELLASLLNRVCQDGRKPHTVRLIIRRYSSEKHYGRESRQCPIPSHVIQKL
GTGNYDV(MSE)TP(MSE)VDIL(MSE)KLFRN(MSE)VNVK(MSE)PFHLTLLSVCFCNLKALNTAK
;
B,D
2 'polydeoxyribonucleotide' (DG)(DT)(DG)(DG)(DA)(DT)(DG)(DA)(DG) P,E
3 'polydeoxyribonucleotide' (DC)(DA)(DT)(DT)(DC)(DT)(DC)(DA)(DT)(DC)(DC)(DA)(DC) T,F
#
loop_
_chem_comp.id
_chem_comp.type
_chem_comp.name
_chem_comp.formula
ADI non-polymer 2',3'-DIDEOXYADENOSINE-5'-DIPHOSPHATE 'C10 H15 N5 O8 P2'
CA non-polymer 'CALCIUM ION' 'Ca 2'
DA DNA linking 2'-DEOXYADENOSINE-5'-MONOPHOSPHATE 'C10 H14 N5 O6 P'
DC DNA linking 2'-DEOXYCYTIDINE-5'-MONOPHOSPHATE 'C9 H14 N3 O7 P'
DG DNA linking 2'-DEOXYGUANOSINE-5'-MONOPHOSPHATE 'C10 H14 N5 O7 P'
DT DNA linking THYMIDINE-5'-MONOPHOSPHATE 'C10 H15 N2 O8 P'
GOL non-polymer GLYCEROL 'C3 H8 O3'
#
# COMPACT_ATOMS: atom_id res chain seq x y z
N ARG A 28 17.45 39.52 -8.08
CA ARG A 28 17.37 38.37 -7.13
C ARG A 28 17.52 37.01 -7.84
N VAL A 29 17.95 36.01 -7.08
CA VAL A 29 17.83 34.61 -7.49
C VAL A 29 16.84 33.95 -6.52
N ILE A 30 15.70 33.51 -7.05
CA ILE A 30 14.66 32.92 -6.20
C ILE A 30 14.48 31.45 -6.62
N VAL A 31 14.39 30.55 -5.65
CA VAL A 31 13.97 29.16 -5.95
C VAL A 31 12.57 28.84 -5.44
N HIS A 32 11.81 28.13 -6.27
CA HIS A 32 10.51 27.56 -5.87
C HIS A 32 10.67 26.04 -5.87
N VAL A 33 10.44 25.40 -4.71
CA VAL A 33 10.55 23.94 -4.56
C VAL A 33 9.13 23.42 -4.37
N ASP A 34 8.77 22.41 -5.14
CA ASP A 34 7.40 21.88 -5.21
C ASP A 34 7.44 20.36 -5.14
N LEU A 35 6.95 19.78 -4.04
CA LEU A 35 7.03 18.31 -3.87
C LEU A 35 6.17 17.54 -4.87
N ASP A 36 6.66 16.45 -5.43
CA ASP A 36 5.86 15.62 -6.35
C ASP A 36 4.72 14.88 -5.64
N CYS A 37 3.52 14.90 -6.27
CA CYS A 37 2.32 14.23 -5.70
C CYS A 37 2.40 14.01 -4.19
N PHE A 38 2.42 15.11 -3.42
CA PHE A 38 2.98 15.08 -2.04
C PHE A 38 2.31 14.04 -1.12
N TYR A 39 0.98 14.11 -0.99
CA TYR A 39 0.24 13.16 -0.17
C TYR A 39 0.53 11.71 -0.59
N ALA A 40 0.53 11.46 -1.89
CA ALA A 40 0.79 10.11 -2.41
C ALA A 40 2.22 9.68 -2.05
N GLN A 41 3.19 10.60 -2.14
CA GLN A 41 4.59 10.30 -1.77
C GLN A 41 4.73 9.90 -0.31
N VAL A 42 4.09 10.66 0.59
CA VAL A 42 4.14 10.34 2.02
C VAL A 42 3.60 8.94 2.30
N GLU A 43 2.49 8.59 1.63
CA GLU A 43 1.89 7.25 1.73
C GLU A 43 2.81 6.13 1.22
N MSE A 44 3.53 6.41 0.14
CA MSE A 44 4.48 5.45 -0.44
C MSE A 44 5.73 5.27 0.42
O MSE A 44 6.43 4.27 0.28
CB MSE A 44 4.87 5.82 -1.87
CG MSE A 44 3.75 5.61 -2.86
SE MSE A 44 4.18 6.20 -4.67
CE MSE A 44 4.03 8.12 -4.44
N ILE A 45 6.00 6.25 1.28
CA ILE A 45 7.04 6.16 2.31
C ILE A 45 6.50 5.50 3.60
N SER A 46 5.27 5.85 3.99
CA SER A 46 4.60 5.21 5.14
C SER A 46 4.40 3.71 4.91
N ASN A 47 4.23 3.33 3.64
CA ASN A 47 3.97 1.96 3.26
C ASN A 47 4.54 1.64 1.87
N PRO A 48 5.84 1.30 1.81
CA PRO A 48 6.50 1.05 0.53
C PRO A 48 5.93 -0.14 -0.25
N GLU A 49 4.97 -0.86 0.33
CA GLU A 49 4.24 -1.91 -0.40
C GLU A 49 3.40 -1.29 -1.52
N LEU A 50 3.29 0.04 -1.51
CA LEU A 50 2.44 0.78 -2.44
C LEU A 50 3.13 1.37 -3.68
N LYS A 51 4.46 1.58 -3.62
CA LYS A 51 5.10 2.42 -4.64
C LYS A 51 5.17 1.90 -6.10
N ASP A 52 4.88 0.61 -6.30
CA ASP A 52 4.82 0.00 -7.64
C ASP A 52 3.41 -0.01 -8.25
N LYS A 53 2.44 0.60 -7.55
CA LYS A 53 1.03 0.58 -7.96
C LYS A 53 0.42 1.98 -8.20
N PRO A 54 -0.62 2.07 -9.07
CA PRO A 54 -1.35 3.34 -9.15
C PRO A 54 -2.03 3.64 -7.82
N LEU A 55 -1.77 4.82 -7.27
CA LEU A 55 -2.23 5.17 -5.93
C LEU A 55 -2.88 6.55 -5.91
N GLY A 56 -4.03 6.65 -5.25
CA GLY A 56 -4.74 7.91 -5.08
C GLY A 56 -5.04 8.08 -3.59
N VAL A 57 -5.12 9.32 -3.17
CA VAL A 57 -5.36 9.65 -1.78
C VAL A 57 -6.78 10.20 -1.72
N GLN A 58 -7.63 9.56 -0.93
CA GLN A 58 -9.04 9.89 -0.91
C GLN A 58 -9.39 10.70 0.30
N GLN A 59 -10.24 11.69 0.09
CA GLN A 59 -10.85 12.46 1.16
C GLN A 59 -12.34 12.53 0.86
N LYS A 60 -13.13 11.85 1.69
CA LYS A 60 -14.58 11.79 1.46
C LYS A 60 -14.81 11.20 0.04
N TYR A 61 -15.40 11.96 -0.86
CA TYR A 61 -15.73 11.47 -2.21
C TYR A 61 -14.77 11.91 -3.32
N LEU A 62 -13.65 12.53 -2.95
CA LEU A 62 -12.67 13.00 -3.94
C LEU A 62 -11.34 12.24 -3.84
N VAL A 63 -10.74 11.94 -4.99
CA VAL A 63 -9.35 11.48 -5.03
C VAL A 63 -8.56 12.78 -5.12
N VAL A 64 -8.07 13.25 -3.96
CA VAL A 64 -7.46 14.58 -3.95
C VAL A 64 -6.15 14.68 -4.77
N THR A 65 -5.34 13.63 -4.73
CA THR A 65 -4.19 13.54 -5.60
C THR A 65 -3.88 12.06 -5.83
N CYS A 66 -2.94 11.79 -6.73
CA CYS A 66 -2.55 10.44 -7.07
C CYS A 66 -1.10 10.44 -7.56
N ASN A 67 -0.45 9.27 -7.56
CA ASN A 67 0.93 9.23 -8.01
C ASN A 67 1.00 9.24 -9.55
N TYR A 68 2.22 9.22 -10.10
CA TYR A 68 2.38 9.37 -11.54
C TYR A 68 1.93 8.14 -12.31
N GLU A 69 2.06 6.95 -11.70
CA GLU A 69 1.48 5.73 -12.30
C GLU A 69 -0.03 5.90 -12.53
N ALA A 70 -0.74 6.45 -11.54
CA ALA A 70 -2.16 6.74 -11.69
C ALA A 70 -2.51 7.78 -12.77
N ARG A 71 -1.75 8.87 -12.84
CA ARG A 71 -1.93 9.91 -13.87
C ARG A 71 -1.78 9.42 -15.32
N LYS A 72 -0.82 8.55 -15.58
CA LYS A 72 -0.68 7.88 -16.89
C LYS A 72 -1.90 7.03 -17.25
N LEU A 73 -2.63 6.58 -16.25
CA LEU A 73 -3.85 5.79 -16.47
C LEU A 73 -5.11 6.67 -16.52
N GLY A 74 -4.93 7.98 -16.41
CA GLY A 74 -6.04 8.92 -16.59
C GLY A 74 -6.69 9.45 -15.31
N VAL A 75 -6.11 9.13 -14.16
CA VAL A 75 -6.62 9.71 -12.92
C VAL A 75 -6.16 11.18 -12.84
N LYS A 76 -7.11 12.08 -12.53
CA LYS A 76 -6.87 13.54 -12.42
C LYS A 76 -6.88 13.97 -10.97
N LYS A 77 -6.18 15.07 -10.65
CA LYS A 77 -6.27 15.63 -9.29
C LYS A 77 -7.70 16.01 -9.02
N LEU A 78 -8.16 15.80 -7.78
CA LEU A 78 -9.49 16.21 -7.33
C LEU A 78 -10.65 15.52 -8.08
N MSE A 79 -10.42 14.30 -8.52
CA MSE A 79 -11.39 13.59 -9.34
C MSE A 79 -12.44 12.95 -8.44
O MSE A 79 -12.09 12.40 -7.41
CB MSE A 79 -10.71 12.51 -10.18
CG MSE A 79 -11.60 11.74 -11.11
SE MSE A 79 -10.49 10.50 -12.22
CE MSE A 79 -10.68 11.44 -13.92
N ASN A 80 -13.69 12.98 -8.84
CA ASN A 80 -14.75 12.29 -8.09
C ASN A 80 -14.44 10.79 -8.01
N VAL A 81 -14.70 10.16 -6.86
CA VAL A 81 -14.46 8.70 -6.70
C VAL A 81 -15.19 7.83 -7.71
N ARG A 82 -16.36 8.27 -8.16
CA ARG A 82 -17.11 7.54 -9.18
C ARG A 82 -16.35 7.55 -10.52
N ASP A 83 -15.84 8.72 -10.90
CA ASP A 83 -15.13 8.87 -12.16
C ASP A 83 -13.86 8.04 -12.12
N ALA A 84 -13.16 8.08 -11.00
CA ALA A 84 -11.94 7.31 -10.78
C ALA A 84 -12.12 5.78 -10.79
N LYS A 85 -13.26 5.29 -10.28
CA LYS A 85 -13.58 3.84 -10.24
C LYS A 85 -13.85 3.34 -11.66
N GLU A 86 -14.56 4.18 -12.41
CA GLU A 86 -14.89 3.88 -13.79
C GLU A 86 -13.62 3.95 -14.68
N LYS A 87 -12.79 4.97 -14.48
CA LYS A 87 -11.62 5.16 -15.33
C LYS A 87 -10.47 4.20 -15.01
N CYS A 88 -10.26 3.94 -13.72
CA CYS A 88 -9.08 3.23 -13.27
C CYS A 88 -9.49 2.35 -12.09
N PRO A 89 -10.17 1.21 -12.38
CA PRO A 89 -10.65 0.36 -11.30
C PRO A 89 -9.52 -0.25 -10.46
N GLN A 90 -8.32 -0.35 -11.03
CA GLN A 90 -7.11 -0.84 -10.33
C GLN A 90 -6.52 0.13 -9.31
N LEU A 91 -7.01 1.36 -9.30
CA LEU A 91 -6.44 2.40 -8.43
C LEU A 91 -6.50 1.93 -6.99
N VAL A 92 -5.35 1.91 -6.31
CA VAL A 92 -5.36 1.70 -4.87
C VAL A 92 -5.70 3.05 -4.21
N LEU A 93 -6.67 3.03 -3.31
CA LEU A 93 -7.11 4.26 -2.60
C LEU A 93 -6.74 4.17 -1.14
N VAL A 94 -6.05 5.19 -0.63
CA VAL A 94 -5.76 5.25 0.81
C VAL A 94 -6.43 6.50 1.36
N ASN A 95 -6.97 6.41 2.56
CA ASN A 95 -7.65 7.55 3.16
C ASN A 95 -6.66 8.62 3.64
N GLY A 96 -6.78 9.83 3.08
CA GLY A 96 -5.94 10.97 3.47
C GLY A 96 -6.62 12.12 4.23
N GLU A 97 -7.74 11.82 4.90
CA GLU A 97 -8.47 12.84 5.65
C GLU A 97 -7.69 13.35 6.89
N ASP A 98 -7.02 12.45 7.59
CA ASP A 98 -6.14 12.85 8.68
C ASP A 98 -4.80 13.35 8.12
N LEU A 99 -4.53 14.64 8.27
CA LEU A 99 -3.32 15.27 7.68
C LEU A 99 -2.06 15.24 8.57
N THR A 100 -2.11 14.57 9.70
CA THR A 100 -1.01 14.61 10.67
C THR A 100 0.34 14.30 10.04
N ARG A 101 0.40 13.23 9.23
CA ARG A 101 1.65 12.78 8.62
C ARG A 101 2.15 13.70 7.51
N TYR A 102 1.22 14.16 6.67
CA TYR A 102 1.52 15.18 5.66
C TYR A 102 2.04 16.45 6.31
N ARG A 103 1.34 16.88 7.37
CA ARG A 103 1.68 18.13 8.05
C ARG A 103 3.10 17.96 8.66
N GLU A 104 3.31 16.85 9.36
CA GLU A 104 4.63 16.60 9.93
C GLU A 104 5.73 16.58 8.85
N MSE A 105 5.52 15.88 7.73
CA MSE A 105 6.56 15.82 6.70
C MSE A 105 6.80 17.22 6.07
O MSE A 105 7.94 17.63 5.82
CB MSE A 105 6.24 14.79 5.63
CG MSE A 105 7.24 14.74 4.53
SE MSE A 105 8.82 13.71 5.14
CE MSE A 105 8.07 11.90 5.02
N SER A 106 5.72 17.94 5.82
CA SER A 106 5.76 19.30 5.30
C SER A 106 6.72 20.19 6.09
N TYR A 107 6.59 20.17 7.42
CA TYR A 107 7.43 21.05 8.24
C TYR A 107 8.88 20.62 8.25
N LYS A 108 9.09 19.33 8.08
CA LYS A 108 10.43 18.76 7.97
C LYS A 108 11.13 19.30 6.73
N VAL A 109 10.36 19.43 5.65
CA VAL A 109 10.87 19.94 4.38
C VAL A 109 11.26 21.41 4.51
N THR A 110 10.36 22.25 5.02
CA THR A 110 10.75 23.66 5.13
C THR A 110 11.91 23.88 6.11
N GLU A 111 11.99 23.08 7.17
CA GLU A 111 13.07 23.22 8.13
C GLU A 111 14.43 22.74 7.58
N LEU A 112 14.38 21.75 6.69
CA LEU A 112 15.57 21.33 5.96
C LEU A 112 16.09 22.46 5.06
N LEU A 113 15.18 23.10 4.35
CA LEU A 113 15.50 24.23 3.48
C LEU A 113 16.05 25.43 4.29
N GLU A 114 15.54 25.60 5.53
CA GLU A 114 15.99 26.68 6.43
C GLU A 114 17.45 26.50 6.87
N GLU A 115 18.02 25.32 6.59
CA GLU A 115 19.46 25.12 6.77
C GLU A 115 20.29 25.85 5.70
N PHE A 116 19.69 26.14 4.55
CA PHE A 116 20.35 26.88 3.46
C PHE A 116 20.21 28.41 3.60
N SER A 117 19.04 28.85 4.08
CA SER A 117 18.74 30.28 4.25
C SER A 117 17.70 30.39 5.36
N PRO A 118 17.79 31.43 6.21
CA PRO A 118 16.84 31.60 7.33
C PRO A 118 15.41 31.91 6.88
N VAL A 119 15.28 32.50 5.70
CA VAL A 119 14.00 32.94 5.21
C VAL A 119 13.48 31.91 4.19
N VAL A 120 12.41 31.22 4.58
CA VAL A 120 11.75 30.25 3.71
C VAL A 120 10.23 30.48 3.78
N GLU A 121 9.64 30.75 2.63
CA GLU A 121 8.19 31.05 2.52
C GLU A 121 7.39 29.83 2.08
N ARG A 122 6.47 29.37 2.92
CA ARG A 122 5.65 28.20 2.64
C ARG A 122 4.47 28.61 1.76
N LEU A 123 4.09 27.74 0.82
CA LEU A 123 2.78 27.90 0.15
C LEU A 123 2.07 26.56 0.19
N GLY A 124 0.96 26.48 0.93
CA GLY A 124 0.32 25.18 1.15
C GLY A 124 1.28 24.25 1.90
N PHE A 125 1.03 22.95 1.83
CA PHE A 125 1.89 21.99 2.54
C PHE A 125 3.11 21.58 1.73
N ASP A 126 3.10 21.80 0.43
CA ASP A 126 4.17 21.18 -0.36
C ASP A 126 5.02 22.09 -1.23
N GLU A 127 4.84 23.40 -1.08
CA GLU A 127 5.66 24.37 -1.79
C GLU A 127 6.40 25.31 -0.84
N ASN A 128 7.63 25.67 -1.23
CA ASN A 128 8.47 26.62 -0.51
C ASN A 128 9.21 27.54 -1.48
N PHE A 129 9.31 28.81 -1.14
CA PHE A 129 10.23 29.73 -1.86
C PHE A 129 11.44 30.02 -0.98
N VAL A 130 12.58 30.19 -1.60
CA VAL A 130 13.80 30.59 -0.90
C VAL A 130 14.50 31.68 -1.73
N ASP A 131 14.97 32.73 -1.07
CA ASP A 131 15.75 33.76 -1.75
C ASP A 131 17.23 33.35 -1.64
N LEU A 132 17.78 32.94 -2.78
CA LEU A 132 19.15 32.42 -2.81
C LEU A 132 20.20 33.49 -3.06
N THR A 133 19.79 34.75 -3.15
CA THR A 133 20.72 35.76 -3.68
C THR A 133 21.93 36.03 -2.77
N GLU A 134 21.73 35.92 -1.45
CA GLU A 134 22.79 36.06 -0.45
C GLU A 134 23.81 34.95 -0.68
N MSE A 135 23.30 33.71 -0.67
CA MSE A 135 24.14 32.53 -0.84
C MSE A 135 24.88 32.48 -2.19
O MSE A 135 26.05 32.06 -2.24
CB MSE A 135 23.30 31.26 -0.62
CG MSE A 135 24.11 29.94 -0.68
SE MSE A 135 23.14 28.32 -0.07
CE MSE A 135 21.37 29.12 0.14
N VAL A 136 24.22 32.93 -3.26
CA VAL A 136 24.83 32.95 -4.60
C VAL A 136 26.02 33.92 -4.63
N GLU A 137 25.79 35.10 -4.06
CA GLU A 137 26.80 36.16 -3.96
C GLU A 137 28.04 35.72 -3.17
N LYS A 138 27.83 34.96 -2.09
CA LYS A 138 28.92 34.35 -1.33
C LYS A 138 29.70 33.35 -2.16
N ARG A 139 29.00 32.46 -2.87
CA ARG A 139 29.65 31.47 -3.73
C ARG A 139 30.49 32.08 -4.85
N LEU A 140 30.00 33.16 -5.43
CA LEU A 140 30.72 33.91 -6.48
C LEU A 140 31.99 34.60 -5.97
N GLN A 141 31.92 35.12 -4.75
CA GLN A 141 33.09 35.71 -4.08
C GLN A 141 34.21 34.68 -3.84
N GLN A 142 33.81 33.46 -3.46
CA GLN A 142 34.75 32.36 -3.19
C GLN A 142 35.39 31.82 -4.47
N LEU A 143 34.66 31.93 -5.58
CA LEU A 143 35.09 31.42 -6.89
C LEU A 143 36.41 32.04 -7.37
N GLN A 144 37.21 31.23 -8.07
CA GLN A 144 38.50 31.67 -8.58
C GLN A 144 38.40 31.95 -10.08
N SER A 145 39.50 32.40 -10.67
CA SER A 145 39.58 32.73 -12.10
C SER A 145 39.39 31.48 -12.99
N ASP A 146 40.14 30.42 -12.69
CA ASP A 146 40.23 29.24 -13.56
C ASP A 146 38.99 28.32 -13.61
N GLU A 147 38.23 28.24 -12.52
CA GLU A 147 37.05 27.35 -12.50
C GLU A 147 35.68 28.08 -12.59
N LEU A 148 35.71 29.35 -12.99
CA LEU A 148 34.50 30.07 -13.41
C LEU A 148 34.12 29.60 -14.83
N SER A 149 35.10 28.98 -15.50
CA SER A 149 35.03 28.61 -16.92
C SER A 149 33.76 27.94 -17.49
N ALA A 150 33.25 26.80 -16.99
CA ALA A 150 33.59 25.97 -15.79
C ALA A 150 32.63 26.12 -14.58
N VAL A 151 31.65 27.02 -14.70
CA VAL A 151 30.45 26.93 -13.90
C VAL A 151 29.49 26.10 -14.76
N THR A 152 28.62 25.31 -14.12
CA THR A 152 27.81 24.33 -14.84
C THR A 152 26.33 24.25 -14.39
N VAL A 153 25.43 24.14 -15.38
CA VAL A 153 23.99 23.97 -15.11
C VAL A 153 23.64 22.67 -14.40
N SER A 154 22.66 22.78 -13.51
CA SER A 154 22.05 21.65 -12.85
C SER A 154 20.60 21.62 -13.29
N GLY A 155 20.23 20.61 -14.09
CA GLY A 155 18.86 20.49 -14.60
C GLY A 155 18.62 21.22 -15.90
N HIS A 156 17.35 21.50 -16.21
CA HIS A 156 16.99 22.07 -17.50
C HIS A 156 17.09 23.59 -17.55
N VAL A 157 17.36 24.08 -18.75
CA VAL A 157 17.26 25.50 -19.03
C VAL A 157 15.98 25.69 -19.82
N TYR A 158 15.08 26.52 -19.31
CA TYR A 158 13.77 26.74 -19.93
C TYR A 158 13.91 27.14 -21.41
N ASN A 159 13.06 26.55 -22.26
CA ASN A 159 13.01 26.86 -23.71
C ASN A 159 14.32 26.58 -24.45
N ASN A 160 15.18 25.78 -23.83
CA ASN A 160 16.47 25.36 -24.42
C ASN A 160 17.49 26.46 -24.74
N GLN A 161 17.28 27.67 -24.23
CA GLN A 161 18.26 28.73 -24.50
C GLN A 161 19.63 28.45 -23.88
N SER A 162 20.65 28.84 -24.62
CA SER A 162 22.05 28.61 -24.28
C SER A 162 22.56 29.63 -23.26
N ILE A 163 23.32 29.12 -22.29
CA ILE A 163 23.88 29.94 -21.22
C ILE A 163 25.06 30.76 -21.75
N ASN A 164 25.05 32.05 -21.43
CA ASN A 164 26.20 32.90 -21.68
C ASN A 164 26.99 33.00 -20.38
N LEU A 165 28.03 32.17 -20.27
CA LEU A 165 28.93 32.15 -19.12
C LEU A 165 29.63 33.49 -18.84
N LEU A 166 29.45 34.47 -19.73
CA LEU A 166 30.01 35.81 -19.59
C LEU A 166 28.99 36.81 -19.07
N ASP A 167 27.75 36.38 -18.96
CA ASP A 167 26.65 37.22 -18.50
C ASP A 167 26.49 37.03 -16.98
N VAL A 168 26.65 38.11 -16.21
CA VAL A 168 26.56 38.06 -14.73
C VAL A 168 25.27 37.43 -14.21
N LEU A 169 24.15 37.84 -14.80
CA LEU A 169 22.83 37.33 -14.45
C LEU A 169 22.70 35.84 -14.76
N HIS A 170 23.25 35.40 -15.88
CA HIS A 170 23.28 33.97 -16.23
C HIS A 170 24.06 33.16 -15.20
N ILE A 171 25.26 33.64 -14.86
CA ILE A 171 26.11 33.00 -13.87
C ILE A 171 25.35 32.89 -12.53
N ARG A 172 24.68 33.96 -12.17
CA ARG A 172 23.97 34.04 -10.90
C ARG A 172 22.87 32.96 -10.82
N LEU A 173 22.07 32.85 -11.88
CA LEU A 173 21.04 31.82 -11.97
C LEU A 173 21.57 30.37 -12.03
N LEU A 174 22.73 30.16 -12.66
CA LEU A 174 23.36 28.82 -12.70
C LEU A 174 23.80 28.33 -11.33
N VAL A 175 24.45 29.22 -10.57
CA VAL A 175 24.78 28.96 -9.18
C VAL A 175 23.50 28.63 -8.38
N GLY A 176 22.45 29.41 -8.58
CA GLY A 176 21.12 29.08 -8.06
C GLY A 176 20.70 27.65 -8.37
N SER A 177 20.84 27.26 -9.64
CA SER A 177 20.45 25.91 -10.07
C SER A 177 21.23 24.83 -9.32
N GLN A 178 22.54 25.06 -9.13
CA GLN A 178 23.39 24.19 -8.31
C GLN A 178 22.89 24.10 -6.85
N ILE A 179 22.54 25.23 -6.25
CA ILE A 179 21.97 25.20 -4.90
C ILE A 179 20.65 24.41 -4.88
N ALA A 180 19.77 24.68 -5.84
CA ALA A 180 18.48 23.99 -5.92
C ALA A 180 18.69 22.48 -5.98
N ALA A 181 19.71 22.06 -6.73
CA ALA A 181 20.13 20.66 -6.85
C ALA A 181 20.60 20.06 -5.51
N GLU A 182 21.44 20.80 -4.78
CA GLU A 182 21.82 20.45 -3.41
C GLU A 182 20.59 20.37 -2.47
N MSE A 183 19.66 21.31 -2.59
CA MSE A 183 18.41 21.24 -1.81
C MSE A 183 17.64 19.91 -2.01
O MSE A 183 17.30 19.21 -1.06
CB MSE A 183 17.52 22.44 -2.12
CG MSE A 183 18.01 23.73 -1.49
SE MSE A 183 17.02 25.27 -2.12
CE MSE A 183 17.44 26.50 -0.63
N ARG A 184 17.36 19.58 -3.26
CA ARG A 184 16.67 18.34 -3.62
C ARG A 184 17.46 17.08 -3.21
N GLU A 185 18.80 17.15 -3.30
CA GLU A 185 19.64 16.04 -2.82
C GLU A 185 19.50 15.82 -1.30
N ALA A 186 19.50 16.91 -0.54
CA ALA A 186 19.31 16.85 0.91
C ALA A 186 17.93 16.28 1.25
N MSE A 187 16.91 16.76 0.55
CA MSE A 187 15.55 16.28 0.71
C MSE A 187 15.41 14.77 0.51
O MSE A 187 14.80 14.07 1.32
CB MSE A 187 14.63 17.01 -0.27
CG MSE A 187 14.48 18.47 0.08
SE MSE A 187 13.22 19.36 -1.09
CE MSE A 187 12.00 17.85 -1.35
N TYR A 188 15.99 14.27 -0.58
CA TYR A 188 15.91 12.86 -0.88
C TYR A 188 16.71 12.03 0.13
N ASN A 189 17.90 12.47 0.49
CA ASN A 189 18.78 11.71 1.41
C ASN A 189 18.22 11.64 2.82
N GLN A 190 17.63 12.74 3.28
CA GLN A 190 17.27 12.87 4.68
C GLN A 190 15.84 12.44 4.91
N LEU A 191 15.00 12.69 3.92
CA LEU A 191 13.56 12.52 4.06
C LEU A 191 12.94 11.50 3.07
N GLY A 192 13.70 11.11 2.05
CA GLY A 192 13.21 10.19 1.02
C GLY A 192 12.19 10.84 0.09
N LEU A 193 12.21 12.17 0.03
CA LEU A 193 11.27 12.95 -0.76
C LEU A 193 11.84 13.51 -2.06
N THR A 194 11.02 13.45 -3.09
CA THR A 194 11.37 13.92 -4.41
C THR A 194 10.48 15.17 -4.71
N GLY A 195 11.04 16.14 -5.41
CA GLY A 195 10.26 17.32 -5.80
C GLY A 195 10.94 17.99 -6.97
N CYS A 196 10.32 19.04 -7.48
CA CYS A 196 10.90 19.79 -8.61
C CYS A 196 11.37 21.12 -8.06
N ALA A 197 12.24 21.78 -8.81
CA ALA A 197 12.59 23.15 -8.48
C ALA A 197 12.56 24.05 -9.70
N GLY A 198 12.24 25.32 -9.49
CA GLY A 198 12.34 26.32 -10.52
C GLY A 198 13.21 27.44 -9.99
N VAL A 199 14.17 27.89 -10.81
CA VAL A 199 15.04 28.99 -10.43
C VAL A 199 14.82 30.17 -11.38
N ALA A 200 14.56 31.35 -10.79
CA ALA A 200 14.31 32.58 -11.55
C ALA A 200 14.53 33.88 -10.76
N SER A 201 14.23 35.01 -11.39
CA SER A 201 14.52 36.33 -10.81
C SER A 201 13.47 36.84 -9.82
N ASN A 202 12.31 36.17 -9.78
CA ASN A 202 11.24 36.55 -8.85
C ASN A 202 10.33 35.35 -8.51
N LYS A 203 9.43 35.51 -7.53
CA LYS A 203 8.61 34.40 -7.04
C LYS A 203 7.63 33.86 -8.10
N LEU A 204 6.91 34.77 -8.78
CA LEU A 204 5.99 34.40 -9.87
C LEU A 204 6.69 33.50 -10.88
N LEU A 205 7.86 33.94 -11.34
CA LEU A 205 8.57 33.23 -12.42
C LEU A 205 9.14 31.88 -11.99
N ALA A 206 9.68 31.84 -10.78
CA ALA A 206 10.21 30.61 -10.20
C ALA A 206 9.14 29.53 -10.09
N LYS A 207 7.95 29.94 -9.65
CA LYS A 207 6.82 29.03 -9.49
C LYS A 207 6.22 28.62 -10.84
N LEU A 208 6.15 29.56 -11.78
CA LEU A 208 5.73 29.23 -13.14
C LEU A 208 6.71 28.27 -13.85
N VAL A 209 8.01 28.40 -13.60
CA VAL A 209 9.01 27.56 -14.29
C VAL A 209 9.33 26.20 -13.61
N SER A 210 9.06 26.05 -12.31
CA SER A 210 9.38 24.82 -11.57
C SER A 210 8.64 23.59 -12.11
N GLY A 211 7.47 23.81 -12.67
CA GLY A 211 6.62 22.72 -13.16
C GLY A 211 6.73 22.44 -14.65
N VAL A 212 7.68 23.10 -15.33
CA VAL A 212 7.85 22.85 -16.78
C VAL A 212 8.26 21.40 -17.02
N PHE A 213 9.20 20.89 -16.22
CA PHE A 213 9.57 19.48 -16.27
C PHE A 213 9.25 18.77 -14.96
N LYS A 214 8.37 17.77 -15.04
CA LYS A 214 7.79 17.10 -13.87
C LYS A 214 7.72 15.60 -14.16
N PRO A 215 7.85 14.74 -13.14
CA PRO A 215 8.24 14.97 -11.75
C PRO A 215 9.76 14.86 -11.52
N ASN A 216 10.21 15.27 -10.34
CA ASN A 216 11.61 15.12 -9.93
C ASN A 216 12.63 15.67 -10.93
N GLN A 217 12.39 16.89 -11.41
CA GLN A 217 13.35 17.57 -12.28
C GLN A 217 13.43 19.02 -11.85
N GLN A 218 14.34 19.78 -12.45
CA GLN A 218 14.39 21.21 -12.15
C GLN A 218 14.72 22.03 -13.39
N THR A 219 14.15 23.23 -13.46
CA THR A 219 14.47 24.14 -14.56
C THR A 219 14.83 25.56 -14.11
N VAL A 220 15.71 26.17 -14.88
CA VAL A 220 16.15 27.53 -14.63
C VAL A 220 15.71 28.46 -15.76
N LEU A 221 15.11 29.56 -15.36
CA LEU A 221 14.63 30.57 -16.30
C LEU A 221 15.67 31.69 -16.46
N LEU A 222 16.19 31.82 -17.68
CA LEU A 222 17.12 32.90 -18.04
C LEU A 222 16.29 34.09 -18.54
N PRO A 223 16.77 35.33 -18.32
CA PRO A 223 15.90 36.50 -18.48
C PRO A 223 15.30 36.78 -19.88
N GLU A 224 16.01 36.44 -20.95
CA GLU A 224 15.50 36.69 -22.31
C GLU A 224 14.31 35.83 -22.70
N SER A 225 14.06 34.78 -21.91
CA SER A 225 12.97 33.86 -22.20
C SER A 225 11.83 33.99 -21.19
N CYS A 226 11.85 35.05 -20.38
CA CYS A 226 10.76 35.38 -19.45
C CYS A 226 9.45 35.67 -20.21
N GLN A 227 9.57 36.49 -21.25
CA GLN A 227 8.44 36.87 -22.08
C GLN A 227 7.82 35.66 -22.78
N HIS A 228 8.65 34.70 -23.19
CA HIS A 228 8.16 33.42 -23.74
C HIS A 228 7.34 32.63 -22.70
N LEU A 229 7.81 32.64 -21.44
CA LEU A 229 7.10 31.98 -20.34
C LEU A 229 5.70 32.57 -20.05
N ILE A 230 5.60 33.89 -19.93
CA ILE A 230 4.28 34.49 -19.68
C ILE A 230 3.34 34.38 -20.90
N HIS A 231 3.90 34.32 -22.11
CA HIS A 231 3.14 34.03 -23.32
C HIS A 231 2.43 32.67 -23.25
N SER A 232 3.06 31.72 -22.57
CA SER A 232 2.59 30.34 -22.54
C SER A 232 1.34 30.12 -21.69
N LEU A 233 0.96 31.12 -20.91
CA LEU A 233 -0.21 31.05 -20.03
C LEU A 233 -1.50 31.18 -20.85
N ASN A 234 -2.37 30.19 -20.74
CA ASN A 234 -3.60 30.13 -21.53
C ASN A 234 -4.83 30.82 -20.89
N HIS A 235 -4.84 30.93 -19.56
CA HIS A 235 -6.03 31.39 -18.83
C HIS A 235 -5.65 32.44 -17.78
N ILE A 236 -6.57 33.36 -17.54
CA ILE A 236 -6.38 34.44 -16.55
C ILE A 236 -6.16 33.91 -15.13
N LYS A 237 -6.86 32.83 -14.78
CA LYS A 237 -6.75 32.24 -13.46
C LYS A 237 -5.37 31.60 -13.20
N GLU A 238 -4.53 31.50 -14.23
CA GLU A 238 -3.13 31.07 -14.04
C GLU A 238 -2.21 32.16 -13.47
N ILE A 239 -2.69 33.39 -13.35
CA ILE A 239 -1.99 34.42 -12.60
C ILE A 239 -2.27 34.23 -11.09
N PRO A 240 -1.21 34.20 -10.24
CA PRO A 240 -1.34 34.16 -8.78
C PRO A 240 -2.15 35.31 -8.17
N GLY A 241 -3.14 34.96 -7.38
CA GLY A 241 -3.99 35.97 -6.76
C GLY A 241 -5.23 36.22 -7.58
N ILE A 242 -5.27 35.66 -8.78
CA ILE A 242 -6.50 35.73 -9.56
C ILE A 242 -7.27 34.43 -9.42
N GLY A 243 -8.15 34.42 -8.43
CA GLY A 243 -9.02 33.28 -8.16
C GLY A 243 -10.33 33.47 -8.86
N TYR A 244 -11.30 32.65 -8.49
CA TYR A 244 -12.63 32.66 -9.09
C TYR A 244 -13.34 34.03 -9.02
N LYS A 245 -13.29 34.67 -7.85
CA LYS A 245 -14.01 35.93 -7.63
C LYS A 245 -13.40 37.10 -8.41
N THR A 246 -12.08 37.21 -8.35
CA THR A 246 -11.31 38.21 -9.12
C THR A 246 -11.49 38.03 -10.65
N ALA A 247 -11.45 36.77 -11.12
CA ALA A 247 -11.71 36.46 -12.53
C ALA A 247 -13.12 36.84 -12.98
N LYS A 248 -14.10 36.69 -12.09
CA LYS A 248 -15.47 37.11 -12.36
C LYS A 248 -15.62 38.63 -12.48
N CYS A 249 -14.88 39.36 -11.65
CA CYS A 249 -14.84 40.82 -11.70
C CYS A 249 -14.25 41.31 -13.00
N LEU A 250 -13.11 40.74 -13.36
CA LEU A 250 -12.44 41.07 -14.60
C LEU A 250 -13.27 40.69 -15.83
N GLU A 251 -13.91 39.52 -15.78
CA GLU A 251 -14.86 39.09 -16.82
C GLU A 251 -15.93 40.16 -17.06
N ALA A 252 -16.39 40.77 -15.97
CA ALA A 252 -17.41 41.83 -16.00
C ALA A 252 -16.92 43.21 -16.53
N LEU A 253 -15.61 43.42 -16.53
CA LEU A 253 -14.99 44.61 -17.11
C LEU A 253 -14.59 44.38 -18.58
N GLY A 254 -14.94 43.21 -19.12
CA GLY A 254 -14.57 42.84 -20.49
C GLY A 254 -13.22 42.14 -20.62
N ILE A 255 -12.53 41.93 -19.49
CA ILE A 255 -11.21 41.28 -19.45
C ILE A 255 -11.36 39.78 -19.23
N ASN A 256 -11.14 39.00 -20.29
CA ASN A 256 -11.29 37.55 -20.20
C ASN A 256 -9.98 36.77 -20.32
N SER A 257 -8.94 37.41 -20.83
CA SER A 257 -7.63 36.76 -21.03
C SER A 257 -6.46 37.56 -20.44
N VAL A 258 -5.28 36.95 -20.44
CA VAL A 258 -4.04 37.57 -19.97
C VAL A 258 -3.67 38.78 -20.81
N ARG A 259 -3.78 38.67 -22.13
CA ARG A 259 -3.49 39.80 -23.01
C ARG A 259 -4.47 40.94 -22.78
N ASP A 260 -5.76 40.62 -22.56
CA ASP A 260 -6.75 41.62 -22.17
C ASP A 260 -6.32 42.40 -20.92
N LEU A 261 -5.70 41.70 -19.96
CA LEU A 261 -5.29 42.33 -18.71
C LEU A 261 -4.06 43.22 -18.91
N GLN A 262 -3.09 42.71 -19.68
CA GLN A 262 -1.90 43.49 -20.03
C GLN A 262 -2.28 44.80 -20.72
N THR A 263 -3.42 44.75 -21.39
CA THR A 263 -3.83 45.71 -22.41
C THR A 263 -4.88 46.70 -21.86
N PHE A 264 -5.36 46.41 -20.65
CA PHE A 264 -6.40 47.22 -20.06
C PHE A 264 -5.81 48.45 -19.41
N SER A 265 -6.55 49.55 -19.50
CA SER A 265 -6.17 50.84 -18.92
C SER A 265 -5.96 50.75 -17.40
N PRO A 266 -4.69 50.96 -16.95
CA PRO A 266 -4.30 50.88 -15.53
C PRO A 266 -5.18 51.73 -14.61
N LYS A 267 -5.53 52.92 -15.08
CA LYS A 267 -6.29 53.89 -14.28
C LYS A 267 -7.75 53.51 -14.11
N ILE A 268 -8.35 52.97 -15.18
CA ILE A 268 -9.69 52.40 -15.08
C ILE A 268 -9.68 51.19 -14.12
N LEU A 269 -8.64 50.35 -14.22
CA LEU A 269 -8.53 49.17 -13.36
C LEU A 269 -8.32 49.51 -11.87
N GLU A 270 -7.52 50.54 -11.60
CA GLU A 270 -7.32 51.04 -10.25
C GLU A 270 -8.62 51.60 -9.63
N LYS A 271 -9.41 52.31 -10.44
CA LYS A 271 -10.72 52.80 -10.02
C LYS A 271 -11.80 51.72 -10.02
N GLU A 272 -11.40 50.46 -10.22
CA GLU A 272 -12.33 49.33 -10.22
C GLU A 272 -11.97 48.25 -9.19
N LEU A 273 -10.67 48.00 -9.00
CA LEU A 273 -10.21 47.01 -8.01
C LEU A 273 -9.47 47.61 -6.80
N GLY A 274 -9.15 48.90 -6.87
CA GLY A 274 -8.29 49.52 -5.87
C GLY A 274 -6.87 49.57 -6.40
N ILE A 275 -6.12 50.55 -5.93
CA ILE A 275 -4.79 50.84 -6.44
C ILE A 275 -3.79 49.66 -6.32
N SER A 276 -3.68 49.06 -5.13
CA SER A 276 -2.66 48.05 -4.90
C SER A 276 -3.00 46.70 -5.54
N VAL A 277 -4.29 46.39 -5.64
CA VAL A 277 -4.71 45.15 -6.29
C VAL A 277 -4.54 45.25 -7.81
N ALA A 278 -5.02 46.34 -8.40
CA ALA A 278 -4.89 46.62 -9.83
C ALA A 278 -3.44 46.66 -10.30
N GLN A 279 -2.61 47.48 -9.66
CA GLN A 279 -1.18 47.56 -9.97
C GLN A 279 -0.49 46.20 -9.84
N ARG A 280 -0.80 45.47 -8.76
CA ARG A 280 -0.23 44.14 -8.53
C ARG A 280 -0.58 43.13 -9.61
N ILE A 281 -1.86 42.87 -9.82
CA ILE A 281 -2.27 41.84 -10.79
C ILE A 281 -1.87 42.23 -12.23
N GLN A 282 -1.79 43.53 -12.51
CA GLN A 282 -1.34 43.98 -13.82
C GLN A 282 0.17 43.77 -14.02
N LYS A 283 0.96 44.02 -12.97
CA LYS A 283 2.39 43.73 -13.05
C LYS A 283 2.62 42.22 -13.29
N LEU A 284 1.87 41.39 -12.56
CA LEU A 284 1.99 39.94 -12.69
C LEU A 284 1.87 39.44 -14.13
N SER A 285 0.94 40.02 -14.90
CA SER A 285 0.65 39.62 -16.28
C SER A 285 1.78 39.92 -17.28
N PHE A 286 2.69 40.83 -16.91
CA PHE A 286 3.94 41.07 -17.64
C PHE A 286 5.14 40.35 -16.96
N GLY A 287 4.85 39.48 -16.01
CA GLY A 287 5.89 38.71 -15.33
C GLY A 287 6.68 39.46 -14.27
N GLU A 288 6.17 40.61 -13.83
CA GLU A 288 6.85 41.44 -12.82
C GLU A 288 6.24 41.19 -11.44
N ASP A 289 7.08 40.90 -10.47
CA ASP A 289 6.64 40.53 -9.13
C ASP A 289 7.75 40.93 -8.17
N ASN A 290 7.55 42.03 -7.43
CA ASN A 290 8.59 42.46 -6.50
C ASN A 290 8.36 42.02 -5.06
N SER A 291 7.35 41.19 -4.82
CA SER A 291 7.06 40.73 -3.46
C SER A 291 8.29 40.00 -2.95
N PRO A 292 8.67 40.29 -1.69
CA PRO A 292 9.82 39.59 -1.12
C PRO A 292 9.45 38.19 -0.67
N VAL A 293 10.44 37.32 -0.61
CA VAL A 293 10.27 36.07 0.10
C VAL A 293 10.19 36.39 1.61
N ILE A 294 9.07 36.02 2.24
CA ILE A 294 8.84 36.20 3.69
C ILE A 294 8.92 34.86 4.46
N LEU A 295 9.71 34.81 5.55
CA LEU A 295 9.72 33.66 6.45
C LEU A 295 8.33 33.36 7.02
N SER A 296 7.81 32.17 6.71
CA SER A 296 6.50 31.73 7.24
C SER A 296 6.58 31.38 8.72
N GLY A 297 7.48 30.45 9.08
CA GLY A 297 7.60 29.98 10.46
C GLY A 297 6.47 29.02 10.82
N PRO A 298 6.31 28.69 12.12
CA PRO A 298 5.21 27.86 12.61
C PRO A 298 3.84 28.47 12.27
N PRO A 299 2.77 27.63 12.19
CA PRO A 299 1.43 28.17 11.92
C PRO A 299 1.01 29.21 12.95
N GLN A 300 0.27 30.21 12.50
CA GLN A 300 -0.30 31.25 13.36
C GLN A 300 -1.64 30.76 13.95
N SER A 301 -2.19 29.70 13.36
CA SER A 301 -3.44 29.06 13.84
C SER A 301 -3.42 27.57 13.51
N PHE A 302 -3.97 26.73 14.40
CA PHE A 302 -4.16 25.28 14.12
C PHE A 302 -5.65 25.10 14.07
N SER A 303 -6.14 24.36 13.08
CA SER A 303 -7.52 23.93 13.15
C SER A 303 -7.71 22.45 12.84
N GLU A 304 -8.91 21.96 13.13
CA GLU A 304 -9.33 20.60 12.80
C GLU A 304 -10.77 20.72 12.30
N GLU A 305 -11.10 20.00 11.24
CA GLU A 305 -12.42 20.10 10.68
C GLU A 305 -12.92 18.81 10.05
N ASP A 306 -14.24 18.73 9.89
CA ASP A 306 -14.81 17.54 9.28
C ASP A 306 -16.03 18.06 8.52
N SER A 307 -16.25 17.47 7.35
CA SER A 307 -17.42 17.77 6.55
C SER A 307 -18.28 16.51 6.56
N PHE A 308 -19.58 16.69 6.33
CA PHE A 308 -20.55 15.62 6.46
C PHE A 308 -21.85 16.04 5.75
N LYS A 309 -22.74 15.09 5.50
CA LYS A 309 -24.02 15.44 4.87
C LYS A 309 -24.99 16.26 5.76
N LYS A 310 -25.04 15.95 7.05
CA LYS A 310 -26.01 16.54 8.05
C LYS A 310 -25.36 16.21 9.40
N CYS A 311 -24.94 17.14 10.25
CA CYS A 311 -25.59 17.74 11.44
C CYS A 311 -26.81 18.66 11.65
N SER A 312 -27.76 18.12 12.41
CA SER A 312 -29.01 18.82 12.74
C SER A 312 -29.46 18.76 14.22
N SER A 313 -28.55 18.38 15.13
CA SER A 313 -28.88 18.40 16.56
C SER A 313 -27.70 18.85 17.42
N GLU A 314 -28.00 19.49 18.55
CA GLU A 314 -26.96 20.03 19.43
C GLU A 314 -26.13 18.92 20.08
N VAL A 315 -26.80 17.83 20.46
CA VAL A 315 -26.14 16.61 20.94
C VAL A 315 -25.11 16.08 19.91
N GLU A 316 -25.52 15.87 18.66
CA GLU A 316 -24.61 15.50 17.57
C GLU A 316 -23.40 16.46 17.59
N ALA A 317 -23.65 17.76 17.86
CA ALA A 317 -22.74 18.71 17.09
C ALA A 317 -21.70 19.06 18.17
N LYS A 318 -22.16 19.13 19.44
CA LYS A 318 -21.33 18.62 20.59
C LYS A 318 -20.36 17.43 20.52
N ASN A 319 -20.81 16.23 20.15
CA ASN A 319 -19.91 15.06 20.03
C ASN A 319 -18.82 15.26 18.97
N LYS A 320 -19.17 15.95 17.89
CA LYS A 320 -18.26 16.25 16.78
C LYS A 320 -17.16 17.21 17.21
N ILE A 321 -17.58 18.25 17.92
CA ILE A 321 -16.69 19.28 18.48
C ILE A 321 -15.71 18.67 19.50
N GLU A 322 -16.22 17.85 20.43
CA GLU A 322 -15.37 17.13 21.39
C GLU A 322 -14.27 16.34 20.68
N GLU A 323 -14.63 15.66 19.60
CA GLU A 323 -13.68 14.92 18.76
C GLU A 323 -12.62 15.84 18.15
N LEU A 324 -13.06 16.97 17.60
CA LEU A 324 -12.17 17.89 16.88
C LEU A 324 -11.24 18.56 17.87
N LEU A 325 -11.81 18.96 18.99
CA LEU A 325 -11.08 19.57 20.10
C LEU A 325 -10.00 18.63 20.65
N ALA A 326 -10.33 17.35 20.82
CA ALA A 326 -9.39 16.35 21.31
C ALA A 326 -8.14 16.29 20.43
N SER A 327 -8.33 16.21 19.11
CA SER A 327 -7.23 16.26 18.14
C SER A 327 -6.39 17.54 18.26
N LEU A 328 -7.06 18.68 18.40
CA LEU A 328 -6.39 19.96 18.54
C LEU A 328 -5.47 20.04 19.76
N LEU A 329 -5.99 19.64 20.92
CA LEU A 329 -5.25 19.62 22.20
C LEU A 329 -3.98 18.78 22.14
N ASN A 330 -4.02 17.68 21.38
CA ASN A 330 -2.83 16.86 21.10
C ASN A 330 -1.74 17.65 20.39
N ARG A 331 -2.16 18.56 19.50
CA ARG A 331 -1.27 19.42 18.74
C ARG A 331 -0.70 20.66 19.46
N VAL A 332 -1.44 21.21 20.43
CA VAL A 332 -0.94 22.30 21.28
C VAL A 332 0.18 21.73 22.11
N CYS A 333 -0.13 20.62 22.77
CA CYS A 333 0.80 19.82 23.52
C CYS A 333 2.16 19.70 22.80
N GLN A 334 2.12 19.38 21.49
CA GLN A 334 3.35 19.15 20.72
C GLN A 334 4.41 20.44 20.76
N ASP A 335 3.88 21.66 20.90
CA ASP A 335 4.19 22.67 19.86
C ASP A 335 5.07 23.76 20.57
N GLY A 336 4.62 24.05 21.82
CA GLY A 336 5.36 24.93 22.74
C GLY A 336 4.47 26.12 23.17
N ARG A 337 3.93 26.83 22.17
CA ARG A 337 3.10 28.02 22.37
C ARG A 337 1.70 27.64 22.86
N LYS A 338 1.02 28.59 23.50
CA LYS A 338 -0.35 28.39 23.95
C LYS A 338 -1.31 29.31 23.21
N PRO A 339 -2.49 28.78 22.81
CA PRO A 339 -3.50 29.63 22.18
C PRO A 339 -4.18 30.55 23.21
N HIS A 340 -4.39 31.80 22.83
CA HIS A 340 -5.15 32.73 23.66
C HIS A 340 -6.55 32.99 23.12
N THR A 341 -6.84 32.48 21.93
CA THR A 341 -8.23 32.47 21.45
C THR A 341 -8.65 31.18 20.76
N VAL A 342 -9.96 30.91 20.85
CA VAL A 342 -10.57 29.77 20.16
C VAL A 342 -11.65 30.27 19.22
N ARG A 343 -11.76 29.60 18.08
CA ARG A 343 -12.70 29.94 17.04
C ARG A 343 -13.49 28.68 16.70
N LEU A 344 -14.81 28.82 16.63
CA LEU A 344 -15.66 27.76 16.09
C LEU A 344 -16.14 28.18 14.71
N ILE A 345 -16.15 27.24 13.76
CA ILE A 345 -16.51 27.54 12.39
C ILE A 345 -17.61 26.55 11.92
N ILE A 346 -18.66 27.05 11.30
CA ILE A 346 -19.71 26.16 10.74
C ILE A 346 -19.88 26.42 9.24
N ARG A 347 -20.48 25.45 8.55
CA ARG A 347 -21.04 25.68 7.21
C ARG A 347 -22.47 25.14 7.24
N ARG A 348 -23.43 25.99 6.87
CA ARG A 348 -24.83 25.61 6.86
C ARG A 348 -25.13 25.05 5.48
N TYR A 349 -26.07 24.11 5.40
CA TYR A 349 -26.52 23.53 4.12
C TYR A 349 -27.16 24.62 3.25
N SER A 350 -26.88 24.54 1.94
CA SER A 350 -27.30 25.49 0.90
C SER A 350 -26.57 26.82 0.97
N GLY A 356 -20.75 30.50 2.34
CA GLY A 356 -19.52 30.09 3.00
C GLY A 356 -19.68 29.74 4.47
N ARG A 357 -18.60 29.96 5.22
CA ARG A 357 -18.48 29.66 6.64
C ARG A 357 -18.80 31.06 7.18
N GLU A 358 -19.69 31.24 8.16
CA GLU A 358 -19.58 31.44 9.65
C GLU A 358 -18.60 30.95 10.73
N SER A 359 -18.13 31.94 11.52
CA SER A 359 -17.27 31.77 12.73
C SER A 359 -17.87 32.76 13.77
N ARG A 360 -18.02 32.39 15.04
CA ARG A 360 -17.39 32.98 16.25
C ARG A 360 -16.11 32.56 16.97
N GLN A 361 -15.50 33.57 17.59
CA GLN A 361 -14.29 33.39 18.41
C GLN A 361 -14.34 34.17 19.73
N CYS A 362 -13.59 33.70 20.73
CA CYS A 362 -13.44 34.44 21.99
C CYS A 362 -12.10 34.16 22.69
N PRO A 363 -11.74 35.00 23.69
CA PRO A 363 -10.53 34.68 24.44
C PRO A 363 -10.70 33.40 25.24
N ILE A 364 -9.62 32.63 25.38
CA ILE A 364 -9.57 31.52 26.35
C ILE A 364 -9.21 32.15 27.71
N PRO A 365 -10.01 31.89 28.77
CA PRO A 365 -9.74 32.43 30.10
C PRO A 365 -8.33 32.06 30.59
N SER A 366 -7.63 33.02 31.18
CA SER A 366 -6.25 32.84 31.62
C SER A 366 -6.01 31.48 32.33
N HIS A 367 -6.93 31.11 33.22
CA HIS A 367 -6.83 29.86 34.00
C HIS A 367 -6.94 28.59 33.17
N VAL A 368 -7.61 28.68 32.02
CA VAL A 368 -7.71 27.55 31.10
C VAL A 368 -6.42 27.42 30.27
N ILE A 369 -5.78 28.56 29.96
CA ILE A 369 -4.52 28.57 29.17
C ILE A 369 -3.38 27.84 29.88
N GLN A 370 -3.32 27.94 31.20
CA GLN A 370 -2.48 27.03 31.97
C GLN A 370 -3.25 25.71 32.13
N LYS A 371 -2.99 24.78 31.22
CA LYS A 371 -3.70 23.50 31.15
C LYS A 371 -2.75 22.31 31.27
N LEU A 372 -1.79 22.24 30.34
CA LEU A 372 -0.78 21.18 30.24
C LEU A 372 -0.38 20.59 31.59
N ASN A 376 -2.15 17.66 32.21
CA ASN A 376 -2.21 17.01 33.52
C ASN A 376 -3.47 17.42 34.31
N TYR A 377 -4.30 18.27 33.69
CA TYR A 377 -5.58 18.70 34.26
C TYR A 377 -6.73 18.41 33.29
N ASP A 378 -7.95 18.82 33.66
CA ASP A 378 -9.11 18.58 32.80
C ASP A 378 -9.56 19.82 32.05
N VAL A 379 -9.08 19.92 30.81
CA VAL A 379 -9.30 21.11 29.98
C VAL A 379 -10.43 20.89 28.97
N MSE A 380 -10.76 19.63 28.70
CA MSE A 380 -11.88 19.28 27.83
C MSE A 380 -13.19 19.96 28.25
O MSE A 380 -13.83 20.60 27.43
CB MSE A 380 -12.08 17.76 27.77
CG MSE A 380 -11.16 17.04 26.79
SE MSE A 380 -11.53 17.52 24.93
CE MSE A 380 -13.28 16.68 24.70
N THR A 381 -13.56 19.80 29.52
CA THR A 381 -14.85 20.32 29.98
C THR A 381 -15.05 21.85 29.88
N PRO A 382 -14.10 22.66 30.41
CA PRO A 382 -14.31 24.10 30.24
C PRO A 382 -14.16 24.57 28.77
N MSE A 383 -13.32 23.89 27.99
CA MSE A 383 -13.20 24.20 26.56
C MSE A 383 -14.47 23.90 25.76
O MSE A 383 -14.89 24.71 24.93
CB MSE A 383 -11.96 23.53 25.92
CG MSE A 383 -10.62 24.30 26.09
SE MSE A 383 -10.58 26.10 25.26
CE MSE A 383 -11.48 25.70 23.57
N VAL A 384 -15.11 22.75 26.01
CA VAL A 384 -16.37 22.42 25.31
C VAL A 384 -17.51 23.35 25.75
N ASP A 385 -17.52 23.73 27.04
CA ASP A 385 -18.43 24.73 27.58
C ASP A 385 -18.38 26.03 26.77
N ILE A 386 -17.17 26.53 26.55
CA ILE A 386 -16.95 27.74 25.75
C ILE A 386 -17.41 27.58 24.30
N LEU A 387 -17.02 26.47 23.69
CA LEU A 387 -17.36 26.17 22.29
C LEU A 387 -18.89 26.02 22.04
N MSE A 388 -19.61 25.41 22.98
CA MSE A 388 -21.08 25.32 22.88
C MSE A 388 -21.80 26.67 23.03
O MSE A 388 -22.85 26.89 22.40
CB MSE A 388 -21.66 24.27 23.83
CG MSE A 388 -21.24 22.83 23.52
SE MSE A 388 -21.05 22.41 21.60
CE MSE A 388 -22.91 22.56 21.06
N LYS A 389 -21.27 27.56 23.87
CA LYS A 389 -21.74 28.96 23.91
C LYS A 389 -21.52 29.66 22.56
N LEU A 390 -20.33 29.50 22.00
CA LEU A 390 -20.07 29.99 20.64
C LEU A 390 -21.03 29.39 19.61
N PHE A 391 -21.28 28.08 19.69
CA PHE A 391 -22.21 27.39 18.78
C PHE A 391 -23.65 27.95 18.84
N ARG A 392 -24.19 28.04 20.07
CA ARG A 392 -25.55 28.56 20.29
C ARG A 392 -25.72 30.05 19.96
N ASN A 393 -24.62 30.77 19.96
CA ASN A 393 -24.61 32.17 19.50
C ASN A 393 -24.85 32.22 18.00
N MSE A 394 -24.25 31.28 17.26
CA MSE A 394 -24.41 31.23 15.80
C MSE A 394 -25.65 30.49 15.32
O MSE A 394 -26.24 30.89 14.34
CB MSE A 394 -23.22 30.52 15.17
CG MSE A 394 -22.17 31.45 14.69
SE MSE A 394 -20.73 30.48 13.82
CE MSE A 394 -20.13 29.39 15.34
N VAL A 395 -25.96 29.39 16.00
CA VAL A 395 -27.02 28.49 15.58
C VAL A 395 -28.17 28.60 16.55
N ASN A 396 -29.33 29.00 16.04
CA ASN A 396 -30.53 29.07 16.85
C ASN A 396 -31.09 27.66 17.07
N VAL A 397 -30.75 27.05 18.20
CA VAL A 397 -31.09 25.64 18.46
C VAL A 397 -32.58 25.47 18.79
N LYS A 398 -33.27 26.57 19.00
CA LYS A 398 -34.73 26.54 19.17
C LYS A 398 -35.48 26.38 17.83
N MSE A 399 -34.73 26.08 16.77
CA MSE A 399 -35.28 25.92 15.43
C MSE A 399 -34.43 25.00 14.57
O MSE A 399 -33.21 24.98 14.73
CB MSE A 399 -35.41 27.28 14.73
CG MSE A 399 -36.66 28.05 15.13
SE MSE A 399 -37.27 29.31 13.78
CE MSE A 399 -35.54 30.23 13.51
N PRO A 400 -35.06 24.22 13.66
CA PRO A 400 -34.34 23.31 12.76
C PRO A 400 -33.10 23.88 12.07
N PHE A 401 -32.04 23.10 12.06
CA PHE A 401 -30.82 23.44 11.36
C PHE A 401 -30.10 22.16 10.88
N HIS A 402 -28.95 22.37 10.20
CA HIS A 402 -28.51 21.50 9.08
C HIS A 402 -27.15 22.06 8.68
N LEU A 403 -26.13 21.59 9.36
CA LEU A 403 -24.77 21.94 9.07
C LEU A 403 -24.14 20.84 8.24
N THR A 404 -23.07 21.19 7.58
CA THR A 404 -22.47 20.38 6.57
C THR A 404 -20.93 20.38 6.81
N LEU A 405 -20.50 21.22 7.77
CA LEU A 405 -19.07 21.29 8.21
C LEU A 405 -18.98 21.87 9.62
N LEU A 406 -18.07 21.32 10.42
CA LEU A 406 -17.68 21.94 11.70
C LEU A 406 -16.14 22.02 11.75
N SER A 407 -15.60 23.14 12.23
CA SER A 407 -14.12 23.32 12.44
C SER A 407 -14.05 23.94 13.85
N VAL A 408 -13.25 23.39 14.77
CA VAL A 408 -12.32 24.12 15.66
C VAL A 408 -10.92 24.64 15.37
N CYS A 409 -10.69 25.86 15.84
CA CYS A 409 -9.44 26.56 15.54
C CYS A 409 -8.86 27.24 16.79
N PHE A 410 -7.56 27.04 17.01
CA PHE A 410 -6.82 27.78 18.02
C PHE A 410 -5.97 28.82 17.30
N CYS A 411 -6.04 30.07 17.75
CA CYS A 411 -5.18 31.14 17.24
C CYS A 411 -4.75 32.09 18.36
N ASN A 412 -4.13 33.21 18.01
CA ASN A 412 -3.52 34.13 18.99
C ASN A 412 -2.55 33.31 19.86
N LEU A 413 -1.53 32.75 19.22
CA LEU A 413 -0.65 31.77 19.85
C LEU A 413 0.54 32.52 20.45
N LYS A 414 0.81 32.29 21.74
CA LYS A 414 1.94 32.92 22.44
C LYS A 414 2.78 31.87 23.16
N SER D 26 -10.05 -28.18 -21.76
CA SER D 26 -10.65 -26.98 -22.43
C SER D 26 -12.13 -27.24 -22.80
N SER D 27 -13.03 -26.34 -22.42
CA SER D 27 -12.69 -25.16 -21.63
C SER D 27 -13.32 -25.20 -20.24
N ARG D 28 -12.55 -24.76 -19.25
CA ARG D 28 -12.95 -24.85 -17.84
C ARG D 28 -12.96 -23.48 -17.20
N VAL D 29 -13.64 -23.39 -16.06
CA VAL D 29 -13.57 -22.21 -15.22
C VAL D 29 -13.09 -22.71 -13.88
N ILE D 30 -11.90 -22.26 -13.52
CA ILE D 30 -11.27 -22.68 -12.28
C ILE D 30 -11.14 -21.46 -11.37
N VAL D 31 -11.47 -21.65 -10.10
CA VAL D 31 -11.17 -20.63 -9.09
C VAL D 31 -10.07 -21.15 -8.14
N HIS D 32 -9.17 -20.24 -7.76
CA HIS D 32 -8.19 -20.40 -6.68
C HIS D 32 -8.54 -19.45 -5.53
N VAL D 33 -8.82 -20.01 -4.37
CA VAL D 33 -9.12 -19.27 -3.16
C VAL D 33 -7.88 -19.36 -2.25
N ASP D 34 -7.43 -18.20 -1.79
CA ASP D 34 -6.19 -18.04 -1.04
C ASP D 34 -6.48 -17.08 0.12
N LEU D 35 -6.40 -17.58 1.35
CA LEU D 35 -6.78 -16.76 2.52
C LEU D 35 -5.68 -15.77 2.94
N ASP D 36 -6.10 -14.58 3.37
CA ASP D 36 -5.21 -13.51 3.72
C ASP D 36 -4.39 -13.80 4.98
N CYS D 37 -3.07 -13.63 4.93
CA CYS D 37 -2.16 -13.88 6.08
C CYS D 37 -2.71 -14.93 7.08
N PHE D 38 -2.86 -16.16 6.64
CA PHE D 38 -3.81 -17.09 7.29
C PHE D 38 -3.63 -17.34 8.80
N TYR D 39 -2.42 -17.72 9.22
CA TYR D 39 -2.17 -17.99 10.65
C TYR D 39 -2.47 -16.74 11.51
N ALA D 40 -2.06 -15.59 11.00
CA ALA D 40 -2.28 -14.29 11.65
C ALA D 40 -3.76 -13.96 11.75
N GLN D 41 -4.53 -14.33 10.71
CA GLN D 41 -5.98 -14.14 10.72
C GLN D 41 -6.64 -14.98 11.77
N VAL D 42 -6.25 -16.26 11.86
CA VAL D 42 -6.82 -17.17 12.86
C VAL D 42 -6.60 -16.62 14.30
N GLU D 43 -5.42 -16.07 14.54
CA GLU D 43 -5.08 -15.50 15.84
C GLU D 43 -5.93 -14.27 16.14
N MSE D 44 -6.11 -13.42 15.14
CA MSE D 44 -6.91 -12.20 15.30
C MSE D 44 -8.39 -12.50 15.56
O MSE D 44 -9.07 -11.76 16.26
CB MSE D 44 -6.77 -11.26 14.11
CG MSE D 44 -5.39 -10.61 14.02
SE MSE D 44 -5.19 -9.38 12.51
CE MSE D 44 -5.23 -10.63 11.03
N ILE D 45 -8.88 -13.60 14.98
CA ILE D 45 -10.27 -14.00 15.17
C ILE D 45 -10.43 -14.52 16.59
N SER D 46 -9.46 -15.33 17.04
CA SER D 46 -9.41 -15.86 18.41
C SER D 46 -9.37 -14.77 19.46
N ASN D 47 -8.65 -13.69 19.20
CA ASN D 47 -8.80 -12.51 20.06
C ASN D 47 -8.63 -11.18 19.33
N PRO D 48 -9.76 -10.49 19.15
CA PRO D 48 -9.93 -9.21 18.47
C PRO D 48 -9.01 -8.10 19.00
N GLU D 49 -8.38 -8.34 20.14
CA GLU D 49 -7.47 -7.37 20.74
C GLU D 49 -6.14 -7.27 19.97
N LEU D 50 -5.93 -8.21 19.05
CA LEU D 50 -4.76 -8.19 18.16
C LEU D 50 -5.08 -7.53 16.82
N LYS D 51 -6.35 -7.24 16.59
CA LYS D 51 -6.87 -6.77 15.30
C LYS D 51 -6.25 -5.47 14.79
N ASP D 52 -5.94 -4.54 15.69
CA ASP D 52 -5.43 -3.22 15.30
C ASP D 52 -3.95 -3.00 15.62
N LYS D 53 -3.22 -4.08 15.85
CA LYS D 53 -1.80 -4.03 16.17
C LYS D 53 -1.00 -4.78 15.10
N PRO D 54 0.32 -4.46 14.96
CA PRO D 54 1.14 -5.32 14.11
C PRO D 54 1.30 -6.67 14.79
N LEU D 55 1.06 -7.75 14.04
CA LEU D 55 1.11 -9.10 14.59
C LEU D 55 1.99 -10.00 13.74
N GLY D 56 2.86 -10.74 14.40
CA GLY D 56 3.66 -11.78 13.75
C GLY D 56 3.35 -13.11 14.38
N VAL D 57 3.43 -14.17 13.58
CA VAL D 57 3.30 -15.54 14.09
C VAL D 57 4.67 -16.22 14.05
N GLN D 58 5.14 -16.67 15.22
CA GLN D 58 6.52 -17.12 15.36
C GLN D 58 6.56 -18.62 15.49
N GLN D 59 7.47 -19.20 14.73
CA GLN D 59 7.90 -20.57 14.92
C GLN D 59 9.40 -20.60 15.12
N LYS D 60 9.81 -21.05 16.30
CA LYS D 60 11.22 -21.04 16.69
C LYS D 60 11.79 -19.63 16.49
N TYR D 61 12.74 -19.47 15.56
CA TYR D 61 13.30 -18.14 15.31
C TYR D 61 12.81 -17.41 14.06
N LEU D 62 11.72 -17.88 13.45
CA LEU D 62 11.18 -17.20 12.28
C LEU D 62 9.80 -16.58 12.56
N VAL D 63 9.58 -15.40 11.99
CA VAL D 63 8.24 -14.85 11.88
C VAL D 63 7.69 -15.43 10.58
N VAL D 64 6.90 -16.49 10.71
CA VAL D 64 6.49 -17.24 9.54
C VAL D 64 5.45 -16.47 8.69
N THR D 65 4.54 -15.76 9.36
CA THR D 65 3.66 -14.81 8.72
C THR D 65 3.33 -13.65 9.68
N CYS D 66 2.70 -12.62 9.14
CA CYS D 66 2.31 -11.45 9.90
C CYS D 66 1.12 -10.77 9.23
N ASN D 67 0.40 -9.95 9.98
CA ASN D 67 -0.77 -9.27 9.42
C ASN D 67 -0.38 -8.08 8.52
N TYR D 68 -1.35 -7.47 7.85
CA TYR D 68 -1.05 -6.40 6.89
C TYR D 68 -0.46 -5.14 7.55
N GLU D 69 -0.80 -4.89 8.81
CA GLU D 69 -0.20 -3.75 9.54
C GLU D 69 1.29 -3.96 9.79
N ALA D 70 1.66 -5.18 10.15
CA ALA D 70 3.06 -5.55 10.33
C ALA D 70 3.82 -5.44 9.00
N ARG D 71 3.15 -5.81 7.89
CA ARG D 71 3.74 -5.73 6.54
C ARG D 71 4.07 -4.29 6.15
N LYS D 72 3.15 -3.37 6.43
CA LYS D 72 3.37 -1.92 6.22
C LYS D 72 4.64 -1.44 6.93
N LEU D 73 4.81 -1.89 8.17
CA LEU D 73 5.93 -1.51 9.01
C LEU D 73 7.19 -2.30 8.68
N GLY D 74 7.18 -2.96 7.52
CA GLY D 74 8.36 -3.61 6.97
C GLY D 74 8.61 -5.08 7.30
N VAL D 75 7.70 -5.70 8.05
CA VAL D 75 7.86 -7.12 8.44
C VAL D 75 7.50 -8.03 7.24
N LYS D 76 8.37 -8.98 6.92
CA LYS D 76 8.14 -9.93 5.82
C LYS D 76 7.85 -11.33 6.33
N LYS D 77 7.18 -12.14 5.48
CA LYS D 77 7.02 -13.57 5.70
C LYS D 77 8.38 -14.24 5.80
N LEU D 78 8.52 -15.15 6.76
CA LEU D 78 9.75 -15.92 7.02
C LEU D 78 10.96 -15.06 7.38
N MSE D 79 10.70 -13.91 7.98
CA MSE D 79 11.77 -13.06 8.47
C MSE D 79 12.33 -13.61 9.79
O MSE D 79 11.58 -14.09 10.64
CB MSE D 79 11.23 -11.64 8.67
CG MSE D 79 12.27 -10.63 9.13
SE MSE D 79 11.51 -8.82 9.13
CE MSE D 79 12.50 -8.08 7.64
N ASN D 80 13.65 -13.53 9.96
CA ASN D 80 14.29 -13.87 11.22
C ASN D 80 13.75 -12.97 12.34
N VAL D 81 13.47 -13.55 13.51
CA VAL D 81 12.97 -12.77 14.63
C VAL D 81 13.90 -11.61 15.01
N ARG D 82 15.21 -11.77 14.84
CA ARG D 82 16.18 -10.66 15.07
C ARG D 82 15.89 -9.44 14.17
N ASP D 83 15.62 -9.70 12.89
CA ASP D 83 15.33 -8.64 11.91
C ASP D 83 13.98 -7.99 12.19
N ALA D 84 12.96 -8.81 12.46
CA ALA D 84 11.61 -8.31 12.73
C ALA D 84 11.56 -7.38 13.94
N LYS D 85 12.36 -7.66 14.96
CA LYS D 85 12.44 -6.78 16.14
C LYS D 85 13.26 -5.49 15.96
N GLU D 86 14.26 -5.50 15.08
CA GLU D 86 14.96 -4.27 14.69
C GLU D 86 13.98 -3.36 13.95
N LYS D 87 13.34 -3.89 12.91
CA LYS D 87 12.43 -3.11 12.05
C LYS D 87 11.12 -2.74 12.76
N CYS D 88 10.64 -3.60 13.63
CA CYS D 88 9.34 -3.40 14.28
C CYS D 88 9.41 -3.82 15.75
N PRO D 89 10.00 -2.95 16.61
CA PRO D 89 10.12 -3.31 18.03
C PRO D 89 8.78 -3.60 18.73
N GLN D 90 7.72 -2.93 18.28
CA GLN D 90 6.37 -3.08 18.83
C GLN D 90 5.58 -4.25 18.24
N LEU D 91 6.23 -5.11 17.45
CA LEU D 91 5.55 -6.26 16.87
C LEU D 91 5.05 -7.18 17.99
N VAL D 92 3.75 -7.49 17.96
CA VAL D 92 3.20 -8.51 18.84
C VAL D 92 3.51 -9.89 18.23
N LEU D 93 4.08 -10.78 19.03
CA LEU D 93 4.43 -12.12 18.57
C LEU D 93 3.62 -13.18 19.30
N VAL D 94 2.93 -14.02 18.52
CA VAL D 94 2.19 -15.16 19.06
C VAL D 94 2.88 -16.42 18.54
N ASN D 95 3.07 -17.42 19.40
CA ASN D 95 3.68 -18.66 18.96
C ASN D 95 2.70 -19.54 18.21
N GLY D 96 3.03 -19.85 16.96
CA GLY D 96 2.22 -20.72 16.12
C GLY D 96 2.88 -22.04 15.73
N GLU D 97 3.63 -22.65 16.66
CA GLU D 97 4.31 -23.93 16.40
C GLU D 97 3.35 -25.08 16.34
N ASP D 98 2.30 -25.05 17.18
CA ASP D 98 1.29 -26.04 17.22
C ASP D 98 0.28 -25.64 16.17
N LEU D 99 0.16 -26.45 15.06
CA LEU D 99 -0.74 -26.10 13.98
C LEU D 99 -2.23 -26.53 14.08
N THR D 100 -2.67 -27.08 15.20
CA THR D 100 -3.96 -27.72 15.20
C THR D 100 -5.14 -26.78 14.94
N ARG D 101 -5.11 -25.56 15.48
CA ARG D 101 -6.18 -24.58 15.19
C ARG D 101 -6.15 -24.07 13.75
N TYR D 102 -4.96 -23.97 13.19
CA TYR D 102 -4.84 -23.59 11.79
C TYR D 102 -5.37 -24.70 10.90
N ARG D 103 -4.96 -25.93 11.20
CA ARG D 103 -5.41 -27.11 10.50
C ARG D 103 -6.93 -27.24 10.58
N GLU D 104 -7.49 -26.98 11.75
CA GLU D 104 -8.94 -27.11 11.92
C GLU D 104 -9.73 -26.09 11.10
N MSE D 105 -9.30 -24.82 11.14
CA MSE D 105 -9.89 -23.76 10.30
C MSE D 105 -9.71 -24.08 8.82
O MSE D 105 -10.60 -23.84 8.02
CB MSE D 105 -9.25 -22.40 10.57
CG MSE D 105 -10.03 -21.52 11.44
SE MSE D 105 -11.73 -20.94 10.61
CE MSE D 105 -11.74 -19.21 11.51
N SER D 106 -8.53 -24.60 8.47
CA SER D 106 -8.22 -25.00 7.10
C SER D 106 -9.27 -25.98 6.54
N TYR D 107 -9.60 -27.01 7.32
CA TYR D 107 -10.63 -27.95 6.92
C TYR D 107 -12.07 -27.38 6.89
N LYS D 108 -12.37 -26.40 7.75
CA LYS D 108 -13.65 -25.69 7.67
C LYS D 108 -13.80 -24.93 6.36
N VAL D 109 -12.70 -24.31 5.90
CA VAL D 109 -12.72 -23.58 4.62
C VAL D 109 -13.03 -24.55 3.48
N THR D 110 -12.27 -25.64 3.43
CA THR D 110 -12.42 -26.63 2.37
C THR D 110 -13.84 -27.23 2.40
N GLU D 111 -14.32 -27.58 3.59
CA GLU D 111 -15.67 -28.10 3.75
C GLU D 111 -16.72 -27.11 3.25
N LEU D 112 -16.52 -25.83 3.54
CA LEU D 112 -17.42 -24.78 3.07
C LEU D 112 -17.50 -24.72 1.54
N LEU D 113 -16.32 -24.69 0.89
CA LEU D 113 -16.23 -24.69 -0.57
C LEU D 113 -16.88 -25.89 -1.24
N GLU D 114 -16.71 -27.07 -0.63
CA GLU D 114 -17.31 -28.30 -1.14
C GLU D 114 -18.85 -28.26 -1.15
N GLU D 115 -19.44 -27.34 -0.40
CA GLU D 115 -20.89 -27.10 -0.46
C GLU D 115 -21.30 -26.35 -1.74
N PHE D 116 -20.34 -25.70 -2.38
CA PHE D 116 -20.55 -25.10 -3.68
C PHE D 116 -20.42 -26.15 -4.79
N SER D 117 -19.23 -26.75 -4.95
CA SER D 117 -19.04 -27.90 -5.85
C SER D 117 -18.33 -29.05 -5.16
N PRO D 118 -18.66 -30.33 -5.50
CA PRO D 118 -17.99 -31.56 -5.02
C PRO D 118 -16.51 -31.30 -4.67
N VAL D 119 -15.69 -30.69 -5.53
CA VAL D 119 -14.60 -31.30 -6.30
C VAL D 119 -13.63 -30.13 -6.02
N VAL D 120 -13.00 -30.21 -4.85
CA VAL D 120 -12.19 -29.13 -4.28
C VAL D 120 -10.81 -29.71 -3.95
N GLU D 121 -9.79 -29.07 -4.47
CA GLU D 121 -8.41 -29.53 -4.27
C GLU D 121 -7.65 -28.62 -3.32
N ARG D 122 -7.18 -29.17 -2.21
CA ARG D 122 -6.38 -28.44 -1.24
C ARG D 122 -4.96 -28.17 -1.77
N LEU D 123 -4.44 -26.97 -1.51
CA LEU D 123 -3.00 -26.69 -1.67
C LEU D 123 -2.48 -26.01 -0.39
N GLY D 124 -1.87 -26.85 0.44
CA GLY D 124 -1.36 -26.40 1.73
C GLY D 124 -2.54 -26.17 2.66
N PHE D 125 -2.39 -25.32 3.66
CA PHE D 125 -3.43 -25.09 4.66
C PHE D 125 -4.36 -23.97 4.26
N ASP D 126 -3.96 -23.13 3.31
CA ASP D 126 -4.82 -21.98 3.10
C ASP D 126 -5.24 -21.69 1.66
N GLU D 127 -4.95 -22.63 0.77
CA GLU D 127 -5.37 -22.54 -0.63
C GLU D 127 -6.24 -23.72 -1.03
N ASN D 128 -7.19 -23.44 -1.92
CA ASN D 128 -8.09 -24.43 -2.51
C ASN D 128 -8.36 -24.06 -3.94
N PHE D 129 -8.43 -25.07 -4.79
CA PHE D 129 -8.96 -24.91 -6.15
C PHE D 129 -10.35 -25.56 -6.23
N VAL D 130 -11.25 -24.92 -6.95
CA VAL D 130 -12.54 -25.49 -7.28
C VAL D 130 -12.76 -25.38 -8.77
N ASP D 131 -13.27 -26.46 -9.33
CA ASP D 131 -13.65 -26.50 -10.72
C ASP D 131 -15.10 -26.07 -10.78
N LEU D 132 -15.29 -24.83 -11.23
CA LEU D 132 -16.65 -24.26 -11.30
C LEU D 132 -17.37 -24.54 -12.63
N THR D 133 -16.73 -25.25 -13.56
CA THR D 133 -17.29 -25.43 -14.93
C THR D 133 -18.78 -25.83 -14.96
N GLU D 134 -19.13 -26.88 -14.22
CA GLU D 134 -20.50 -27.40 -14.21
C GLU D 134 -21.50 -26.38 -13.65
N MSE D 135 -21.13 -25.74 -12.54
CA MSE D 135 -21.97 -24.71 -11.93
C MSE D 135 -22.19 -23.52 -12.87
O MSE D 135 -23.26 -22.97 -12.91
CB MSE D 135 -21.32 -24.15 -10.68
CG MSE D 135 -21.45 -24.92 -9.42
SE MSE D 135 -20.62 -23.72 -8.07
CE MSE D 135 -22.13 -22.53 -7.76
N VAL D 136 -21.12 -23.11 -13.56
CA VAL D 136 -21.17 -21.97 -14.49
C VAL D 136 -22.13 -22.32 -15.65
N GLU D 137 -21.92 -23.48 -16.27
CA GLU D 137 -22.78 -23.92 -17.38
C GLU D 137 -24.26 -23.96 -16.96
N LYS D 138 -24.52 -24.47 -15.77
CA LYS D 138 -25.87 -24.46 -15.18
C LYS D 138 -26.46 -23.05 -15.13
N ARG D 139 -25.68 -22.09 -14.58
CA ARG D 139 -26.18 -20.72 -14.46
C ARG D 139 -26.33 -20.04 -15.83
N LEU D 140 -25.46 -20.37 -16.78
CA LEU D 140 -25.56 -19.85 -18.15
C LEU D 140 -26.85 -20.34 -18.83
N GLN D 141 -27.19 -21.61 -18.61
CA GLN D 141 -28.35 -22.22 -19.24
C GLN D 141 -29.66 -21.66 -18.66
N GLN D 142 -29.53 -20.93 -17.56
CA GLN D 142 -30.68 -20.31 -16.91
C GLN D 142 -30.94 -18.87 -17.38
N LEU D 143 -30.02 -18.33 -18.18
CA LEU D 143 -30.10 -16.91 -18.56
C LEU D 143 -31.12 -16.62 -19.66
N GLN D 144 -31.99 -15.65 -19.36
CA GLN D 144 -32.84 -14.98 -20.35
C GLN D 144 -32.01 -13.88 -21.01
N SER D 145 -32.45 -13.37 -22.16
CA SER D 145 -31.68 -12.36 -22.89
C SER D 145 -31.26 -11.15 -22.02
N ASP D 146 -32.19 -10.58 -21.24
CA ASP D 146 -31.80 -9.42 -20.42
C ASP D 146 -30.84 -9.80 -19.27
N GLU D 147 -30.98 -11.02 -18.74
CA GLU D 147 -30.02 -11.54 -17.75
C GLU D 147 -28.59 -11.60 -18.32
N LEU D 148 -28.46 -12.07 -19.56
CA LEU D 148 -27.14 -12.14 -20.22
C LEU D 148 -26.55 -10.74 -20.46
N SER D 149 -27.38 -9.80 -20.92
CA SER D 149 -26.87 -8.46 -21.20
C SER D 149 -26.39 -7.75 -19.91
N ALA D 150 -26.87 -8.19 -18.74
CA ALA D 150 -26.55 -7.60 -17.44
C ALA D 150 -25.39 -8.31 -16.70
N VAL D 151 -24.81 -9.34 -17.32
CA VAL D 151 -23.68 -10.05 -16.74
C VAL D 151 -22.52 -9.05 -16.55
N THR D 152 -22.03 -8.98 -15.32
CA THR D 152 -20.98 -8.05 -14.94
C THR D 152 -19.88 -8.78 -14.16
N VAL D 153 -18.63 -8.32 -14.28
CA VAL D 153 -17.57 -8.83 -13.41
C VAL D 153 -17.86 -8.52 -11.94
N SER D 154 -17.48 -9.45 -11.07
CA SER D 154 -17.33 -9.15 -9.66
C SER D 154 -15.82 -9.06 -9.35
N GLY D 155 -15.40 -7.93 -8.81
CA GLY D 155 -13.99 -7.70 -8.58
C GLY D 155 -13.28 -7.13 -9.79
N HIS D 156 -11.98 -7.40 -9.87
CA HIS D 156 -11.10 -6.85 -10.89
C HIS D 156 -10.98 -7.76 -12.10
N VAL D 157 -10.75 -7.15 -13.26
CA VAL D 157 -10.38 -7.86 -14.48
C VAL D 157 -8.89 -7.63 -14.67
N TYR D 158 -8.11 -8.70 -14.81
CA TYR D 158 -6.65 -8.55 -14.96
C TYR D 158 -6.27 -7.64 -16.15
N ASN D 159 -5.41 -6.66 -15.86
CA ASN D 159 -4.95 -5.66 -16.84
C ASN D 159 -6.08 -4.78 -17.39
N ASN D 160 -7.13 -4.66 -16.60
CA ASN D 160 -8.34 -3.94 -16.98
C ASN D 160 -8.77 -4.16 -18.44
N GLN D 161 -8.58 -5.40 -18.92
CA GLN D 161 -8.98 -5.78 -20.28
C GLN D 161 -10.47 -5.51 -20.53
N SER D 162 -10.79 -5.02 -21.73
CA SER D 162 -12.19 -4.89 -22.18
C SER D 162 -12.94 -6.22 -22.18
N ILE D 163 -14.17 -6.20 -21.70
CA ILE D 163 -15.03 -7.38 -21.66
C ILE D 163 -15.82 -7.50 -22.98
N ASN D 164 -15.93 -8.72 -23.49
CA ASN D 164 -16.73 -8.98 -24.68
C ASN D 164 -17.76 -10.03 -24.35
N LEU D 165 -19.01 -9.58 -24.22
CA LEU D 165 -20.09 -10.43 -23.76
C LEU D 165 -20.58 -11.44 -24.80
N LEU D 166 -20.15 -11.26 -26.04
CA LEU D 166 -20.51 -12.20 -27.08
C LEU D 166 -19.46 -13.31 -27.21
N ASP D 167 -18.39 -13.21 -26.40
CA ASP D 167 -17.35 -14.24 -26.36
C ASP D 167 -17.73 -15.28 -25.31
N VAL D 168 -17.98 -16.53 -25.74
CA VAL D 168 -18.36 -17.62 -24.83
C VAL D 168 -17.38 -17.77 -23.64
N LEU D 169 -16.07 -17.63 -23.90
CA LEU D 169 -15.07 -17.75 -22.83
C LEU D 169 -15.18 -16.64 -21.80
N HIS D 170 -15.38 -15.40 -22.26
CA HIS D 170 -15.52 -14.24 -21.35
C HIS D 170 -16.75 -14.41 -20.46
N ILE D 171 -17.89 -14.77 -21.07
CA ILE D 171 -19.11 -14.98 -20.30
C ILE D 171 -18.95 -16.03 -19.19
N ARG D 172 -18.36 -17.17 -19.48
CA ARG D 172 -18.15 -18.13 -18.43
C ARG D 172 -17.27 -17.60 -17.34
N LEU D 173 -16.21 -16.92 -17.70
CA LEU D 173 -15.23 -16.48 -16.70
C LEU D 173 -15.87 -15.41 -15.77
N LEU D 174 -16.75 -14.59 -16.36
CA LEU D 174 -17.45 -13.57 -15.58
C LEU D 174 -18.44 -14.16 -14.59
N VAL D 175 -19.19 -15.19 -15.01
CA VAL D 175 -20.08 -15.91 -14.10
C VAL D 175 -19.22 -16.63 -13.03
N GLY D 176 -18.07 -17.16 -13.45
CA GLY D 176 -17.08 -17.67 -12.46
C GLY D 176 -16.80 -16.62 -11.36
N SER D 177 -16.54 -15.38 -11.74
CA SER D 177 -16.21 -14.32 -10.76
C SER D 177 -17.39 -14.11 -9.79
N GLN D 178 -18.60 -14.17 -10.32
CA GLN D 178 -19.79 -13.99 -9.46
C GLN D 178 -19.85 -15.12 -8.43
N ILE D 179 -19.54 -16.35 -8.85
CA ILE D 179 -19.49 -17.47 -7.92
C ILE D 179 -18.39 -17.29 -6.87
N ALA D 180 -17.17 -16.93 -7.30
CA ALA D 180 -16.06 -16.74 -6.36
C ALA D 180 -16.45 -15.70 -5.30
N ALA D 181 -17.14 -14.64 -5.73
CA ALA D 181 -17.63 -13.59 -4.82
C ALA D 181 -18.59 -14.14 -3.76
N GLU D 182 -19.50 -15.04 -4.15
CA GLU D 182 -20.40 -15.70 -3.21
C GLU D 182 -19.63 -16.59 -2.23
N MSE D 183 -18.56 -17.22 -2.73
CA MSE D 183 -17.71 -18.07 -1.90
C MSE D 183 -17.03 -17.23 -0.82
O MSE D 183 -17.05 -17.58 0.36
CB MSE D 183 -16.66 -18.78 -2.77
CG MSE D 183 -17.26 -19.78 -3.76
SE MSE D 183 -15.89 -20.67 -4.81
CE MSE D 183 -16.78 -22.40 -4.93
N ARG D 184 -16.44 -16.12 -1.23
CA ARG D 184 -15.77 -15.22 -0.31
C ARG D 184 -16.75 -14.63 0.72
N GLU D 185 -17.96 -14.27 0.26
CA GLU D 185 -19.03 -13.85 1.19
C GLU D 185 -19.34 -14.90 2.25
N ALA D 186 -19.54 -16.15 1.82
CA ALA D 186 -19.86 -17.25 2.74
C ALA D 186 -18.73 -17.51 3.74
N MSE D 187 -17.49 -17.44 3.25
CA MSE D 187 -16.34 -17.65 4.12
C MSE D 187 -16.30 -16.60 5.22
O MSE D 187 -16.13 -16.91 6.39
CB MSE D 187 -15.05 -17.62 3.31
CG MSE D 187 -15.00 -18.72 2.29
SE MSE D 187 -13.22 -18.67 1.39
CE MSE D 187 -12.26 -18.01 2.94
N TYR D 188 -16.46 -15.34 4.83
CA TYR D 188 -16.59 -14.25 5.79
C TYR D 188 -17.78 -14.43 6.75
N ASN D 189 -18.97 -14.67 6.19
CA ASN D 189 -20.20 -14.74 7.00
C ASN D 189 -20.16 -15.88 8.02
N GLN D 190 -19.64 -17.02 7.59
CA GLN D 190 -19.66 -18.23 8.39
C GLN D 190 -18.42 -18.44 9.27
N LEU D 191 -17.27 -17.95 8.79
CA LEU D 191 -15.99 -18.20 9.47
C LEU D 191 -15.26 -16.93 9.92
N GLY D 192 -15.70 -15.78 9.41
CA GLY D 192 -15.11 -14.48 9.74
C GLY D 192 -13.77 -14.37 9.04
N LEU D 193 -13.61 -15.21 8.00
CA LEU D 193 -12.36 -15.24 7.29
C LEU D 193 -12.42 -14.44 6.01
N THR D 194 -11.30 -13.77 5.77
CA THR D 194 -11.04 -12.91 4.63
C THR D 194 -10.02 -13.56 3.66
N GLY D 195 -10.24 -13.43 2.35
CA GLY D 195 -9.31 -14.06 1.38
C GLY D 195 -9.46 -13.52 -0.03
N CYS D 196 -8.53 -13.92 -0.88
CA CYS D 196 -8.48 -13.55 -2.30
C CYS D 196 -8.95 -14.68 -3.18
N ALA D 197 -9.47 -14.34 -4.36
CA ALA D 197 -9.75 -15.36 -5.35
C ALA D 197 -9.24 -14.95 -6.72
N GLY D 198 -8.92 -15.95 -7.52
CA GLY D 198 -8.57 -15.74 -8.91
C GLY D 198 -9.37 -16.73 -9.74
N VAL D 199 -9.91 -16.24 -10.84
CA VAL D 199 -10.73 -17.07 -11.73
C VAL D 199 -10.06 -17.08 -13.09
N ALA D 200 -9.85 -18.28 -13.63
CA ALA D 200 -9.21 -18.40 -14.93
C ALA D 200 -9.47 -19.78 -15.53
N SER D 201 -8.90 -20.05 -16.71
CA SER D 201 -9.27 -21.23 -17.49
C SER D 201 -8.54 -22.48 -16.99
N ASN D 202 -7.56 -22.30 -16.10
CA ASN D 202 -6.83 -23.45 -15.56
C ASN D 202 -6.23 -23.15 -14.18
N LYS D 203 -5.74 -24.17 -13.49
CA LYS D 203 -5.23 -24.02 -12.13
C LYS D 203 -4.02 -23.10 -12.08
N LEU D 204 -3.11 -23.23 -13.05
CA LEU D 204 -1.92 -22.40 -13.08
C LEU D 204 -2.30 -20.92 -13.10
N LEU D 205 -3.14 -20.54 -14.07
CA LEU D 205 -3.59 -19.15 -14.26
C LEU D 205 -4.47 -18.60 -13.12
N ALA D 206 -5.36 -19.43 -12.58
CA ALA D 206 -6.19 -19.04 -11.42
C ALA D 206 -5.29 -18.70 -10.22
N LYS D 207 -4.26 -19.53 -9.99
CA LYS D 207 -3.33 -19.30 -8.89
C LYS D 207 -2.46 -18.06 -9.11
N LEU D 208 -1.93 -17.88 -10.32
CA LEU D 208 -1.15 -16.66 -10.62
C LEU D 208 -2.01 -15.38 -10.48
N VAL D 209 -3.25 -15.44 -10.96
CA VAL D 209 -4.04 -14.22 -11.01
C VAL D 209 -4.64 -13.84 -9.65
N SER D 210 -4.91 -14.84 -8.81
CA SER D 210 -5.60 -14.56 -7.52
C SER D 210 -4.74 -13.64 -6.65
N GLY D 211 -3.43 -13.68 -6.86
CA GLY D 211 -2.51 -12.86 -6.06
C GLY D 211 -2.34 -11.41 -6.51
N VAL D 212 -2.98 -11.04 -7.63
CA VAL D 212 -2.72 -9.74 -8.25
C VAL D 212 -3.19 -8.58 -7.37
N PHE D 213 -4.44 -8.65 -6.89
CA PHE D 213 -4.99 -7.66 -5.95
C PHE D 213 -5.20 -8.33 -4.59
N LYS D 214 -4.48 -7.85 -3.59
CA LYS D 214 -4.55 -8.39 -2.24
C LYS D 214 -4.34 -7.23 -1.24
N PRO D 215 -4.85 -7.39 0.01
CA PRO D 215 -5.66 -8.49 0.53
C PRO D 215 -7.14 -8.37 0.20
N ASN D 216 -7.87 -9.46 0.41
CA ASN D 216 -9.33 -9.45 0.40
C ASN D 216 -9.95 -8.86 -0.87
N GLN D 217 -9.42 -9.27 -2.03
CA GLN D 217 -9.97 -8.86 -3.32
C GLN D 217 -9.97 -10.05 -4.27
N GLN D 218 -10.55 -9.90 -5.45
CA GLN D 218 -10.53 -10.98 -6.43
C GLN D 218 -10.34 -10.45 -7.84
N THR D 219 -9.77 -11.31 -8.68
CA THR D 219 -9.39 -10.95 -10.05
C THR D 219 -9.80 -12.07 -10.99
N VAL D 220 -10.30 -11.69 -12.17
CA VAL D 220 -10.54 -12.67 -13.26
C VAL D 220 -9.55 -12.45 -14.40
N LEU D 221 -9.05 -13.55 -14.98
CA LEU D 221 -8.12 -13.48 -16.12
C LEU D 221 -8.83 -13.89 -17.41
N LEU D 222 -9.00 -12.91 -18.31
CA LEU D 222 -9.54 -13.19 -19.63
C LEU D 222 -8.40 -13.70 -20.54
N PRO D 223 -8.72 -14.51 -21.57
CA PRO D 223 -7.70 -15.27 -22.31
C PRO D 223 -6.69 -14.41 -23.04
N GLU D 224 -7.13 -13.25 -23.54
CA GLU D 224 -6.25 -12.36 -24.30
C GLU D 224 -5.12 -11.74 -23.45
N SER D 225 -5.27 -11.79 -22.11
CA SER D 225 -4.25 -11.24 -21.17
C SER D 225 -3.31 -12.31 -20.56
N CYS D 226 -3.45 -13.55 -21.01
CA CYS D 226 -2.66 -14.63 -20.47
C CYS D 226 -1.13 -14.39 -20.64
N GLN D 227 -0.70 -13.99 -21.84
CA GLN D 227 0.76 -13.80 -22.06
C GLN D 227 1.27 -12.62 -21.25
N HIS D 228 0.46 -11.56 -21.10
CA HIS D 228 0.81 -10.42 -20.23
C HIS D 228 1.06 -10.86 -18.78
N LEU D 229 0.18 -11.71 -18.24
CA LEU D 229 0.31 -12.20 -16.87
C LEU D 229 1.59 -13.04 -16.70
N ILE D 230 1.83 -13.97 -17.62
CA ILE D 230 3.07 -14.76 -17.61
C ILE D 230 4.30 -13.87 -17.68
N HIS D 231 4.24 -12.87 -18.56
CA HIS D 231 5.36 -11.95 -18.72
C HIS D 231 5.57 -10.98 -17.55
N SER D 232 4.58 -10.91 -16.66
CA SER D 232 4.68 -10.10 -15.46
C SER D 232 5.57 -10.74 -14.42
N LEU D 233 5.87 -12.03 -14.56
CA LEU D 233 6.71 -12.75 -13.58
C LEU D 233 8.20 -12.37 -13.74
N ASN D 234 8.89 -12.13 -12.62
CA ASN D 234 10.32 -11.71 -12.65
C ASN D 234 11.32 -12.85 -12.67
N HIS D 235 10.96 -13.97 -12.06
CA HIS D 235 11.84 -15.15 -12.00
C HIS D 235 11.07 -16.41 -12.39
N ILE D 236 11.76 -17.37 -13.01
CA ILE D 236 11.20 -18.69 -13.36
C ILE D 236 10.53 -19.37 -12.17
N LYS D 237 11.18 -19.23 -11.00
CA LYS D 237 10.71 -19.80 -9.73
C LYS D 237 9.27 -19.39 -9.37
N GLU D 238 8.82 -18.21 -9.81
CA GLU D 238 7.44 -17.72 -9.55
C GLU D 238 6.32 -18.53 -10.22
N ILE D 239 6.69 -19.38 -11.16
CA ILE D 239 5.76 -20.34 -11.74
C ILE D 239 5.52 -21.48 -10.75
N PRO D 240 4.25 -21.69 -10.36
CA PRO D 240 3.82 -22.84 -9.55
C PRO D 240 4.15 -24.15 -10.27
N GLY D 241 5.00 -24.98 -9.69
CA GLY D 241 5.45 -26.24 -10.31
C GLY D 241 6.93 -26.25 -10.58
N ILE D 242 7.48 -25.07 -10.81
CA ILE D 242 8.92 -24.94 -10.96
C ILE D 242 9.48 -24.39 -9.66
N GLY D 243 10.34 -25.18 -9.01
CA GLY D 243 10.90 -24.78 -7.72
C GLY D 243 12.39 -24.55 -7.79
N TYR D 244 13.03 -24.38 -6.62
CA TYR D 244 14.45 -24.09 -6.59
C TYR D 244 15.28 -25.08 -7.43
N LYS D 245 15.03 -26.38 -7.24
CA LYS D 245 15.84 -27.40 -7.89
C LYS D 245 15.72 -27.41 -9.41
N THR D 246 14.50 -27.31 -9.96
CA THR D 246 14.42 -27.31 -11.43
C THR D 246 14.86 -25.97 -12.03
N ALA D 247 14.68 -24.88 -11.28
CA ALA D 247 15.26 -23.59 -11.67
C ALA D 247 16.80 -23.64 -11.70
N LYS D 248 17.40 -24.32 -10.74
CA LYS D 248 18.85 -24.55 -10.77
C LYS D 248 19.24 -25.39 -12.01
N CYS D 249 18.47 -26.44 -12.29
CA CYS D 249 18.67 -27.29 -13.49
C CYS D 249 18.62 -26.50 -14.79
N LEU D 250 17.60 -25.64 -14.88
CA LEU D 250 17.37 -24.79 -16.03
C LEU D 250 18.45 -23.73 -16.20
N GLU D 251 18.88 -23.14 -15.09
CA GLU D 251 19.97 -22.16 -15.05
C GLU D 251 21.26 -22.74 -15.68
N ALA D 252 21.50 -24.02 -15.44
CA ALA D 252 22.66 -24.74 -16.00
C ALA D 252 22.57 -25.00 -17.51
N LEU D 253 21.36 -24.97 -18.05
CA LEU D 253 21.14 -25.13 -19.49
C LEU D 253 21.20 -23.77 -20.20
N GLY D 254 21.54 -22.72 -19.46
CA GLY D 254 21.45 -21.34 -19.93
C GLY D 254 20.10 -20.66 -19.80
N ILE D 255 19.12 -21.32 -19.16
CA ILE D 255 17.73 -20.82 -19.08
C ILE D 255 17.50 -20.01 -17.79
N ASN D 256 17.47 -18.68 -17.92
CA ASN D 256 17.43 -17.82 -16.73
C ASN D 256 16.14 -17.06 -16.48
N SER D 257 15.35 -16.88 -17.53
CA SER D 257 14.10 -16.13 -17.43
C SER D 257 12.93 -16.95 -17.97
N VAL D 258 11.70 -16.42 -17.82
CA VAL D 258 10.51 -17.05 -18.38
C VAL D 258 10.54 -17.08 -19.92
N ARG D 259 10.91 -15.95 -20.54
CA ARG D 259 11.15 -15.89 -22.00
C ARG D 259 12.13 -16.94 -22.47
N ASP D 260 13.22 -17.11 -21.72
CA ASP D 260 14.25 -18.12 -22.01
C ASP D 260 13.62 -19.50 -22.09
N LEU D 261 12.76 -19.84 -21.12
CA LEU D 261 12.06 -21.13 -21.09
C LEU D 261 11.12 -21.28 -22.28
N GLN D 262 10.30 -20.26 -22.50
CA GLN D 262 9.37 -20.22 -23.63
C GLN D 262 10.04 -20.45 -24.98
N THR D 263 11.25 -19.92 -25.14
CA THR D 263 11.91 -19.93 -26.43
C THR D 263 12.99 -21.00 -26.54
N PHE D 264 13.07 -21.90 -25.54
CA PHE D 264 14.03 -23.00 -25.61
C PHE D 264 13.53 -24.16 -26.45
N SER D 265 14.41 -24.74 -27.24
CA SER D 265 14.06 -25.89 -28.08
C SER D 265 13.43 -27.05 -27.28
N PRO D 266 12.16 -27.40 -27.59
CA PRO D 266 11.45 -28.48 -26.91
C PRO D 266 12.17 -29.84 -26.95
N LYS D 267 12.86 -30.13 -28.06
CA LYS D 267 13.54 -31.41 -28.19
C LYS D 267 14.75 -31.55 -27.25
N ILE D 268 15.57 -30.51 -27.13
CA ILE D 268 16.71 -30.62 -26.18
C ILE D 268 16.30 -30.51 -24.73
N LEU D 269 15.21 -29.78 -24.45
CA LEU D 269 14.68 -29.79 -23.10
C LEU D 269 14.26 -31.23 -22.73
N GLU D 270 13.62 -31.92 -23.66
CA GLU D 270 13.15 -33.30 -23.45
C GLU D 270 14.26 -34.32 -23.14
N LYS D 271 15.35 -34.27 -23.88
CA LYS D 271 16.46 -35.20 -23.58
C LYS D 271 17.16 -34.86 -22.27
N GLU D 272 17.08 -33.59 -21.86
CA GLU D 272 17.78 -33.11 -20.67
C GLU D 272 17.07 -33.39 -19.33
N LEU D 273 15.75 -33.30 -19.29
CA LEU D 273 15.04 -33.63 -18.04
C LEU D 273 13.85 -34.58 -18.22
N GLY D 274 13.81 -35.26 -19.36
CA GLY D 274 12.75 -36.22 -19.62
C GLY D 274 11.55 -35.61 -20.34
N ILE D 275 10.94 -36.42 -21.19
CA ILE D 275 9.87 -36.01 -22.10
C ILE D 275 8.65 -35.40 -21.41
N SER D 276 8.18 -36.05 -20.35
CA SER D 276 6.96 -35.65 -19.66
C SER D 276 7.17 -34.42 -18.77
N VAL D 277 8.34 -34.33 -18.14
CA VAL D 277 8.67 -33.17 -17.29
C VAL D 277 8.92 -31.94 -18.17
N ALA D 278 9.80 -32.10 -19.16
CA ALA D 278 10.09 -31.04 -20.14
C ALA D 278 8.82 -30.42 -20.71
N GLN D 279 7.91 -31.25 -21.24
CA GLN D 279 6.68 -30.77 -21.88
C GLN D 279 5.73 -30.05 -20.91
N ARG D 280 5.68 -30.54 -19.68
CA ARG D 280 4.81 -29.91 -18.68
C ARG D 280 5.36 -28.59 -18.18
N ILE D 281 6.65 -28.52 -17.84
CA ILE D 281 7.20 -27.21 -17.38
C ILE D 281 7.29 -26.14 -18.48
N GLN D 282 7.64 -26.55 -19.71
CA GLN D 282 7.58 -25.63 -20.84
C GLN D 282 6.16 -25.14 -21.14
N LYS D 283 5.17 -26.04 -21.09
CA LYS D 283 3.75 -25.64 -21.10
C LYS D 283 3.40 -24.60 -20.04
N LEU D 284 3.86 -24.80 -18.81
CA LEU D 284 3.64 -23.80 -17.74
C LEU D 284 4.11 -22.40 -18.16
N SER D 285 5.26 -22.34 -18.82
CA SER D 285 5.84 -21.06 -19.30
C SER D 285 4.98 -20.29 -20.32
N PHE D 286 4.07 -21.00 -20.98
CA PHE D 286 3.10 -20.39 -21.91
C PHE D 286 1.71 -20.17 -21.31
N GLY D 287 1.53 -20.59 -20.07
CA GLY D 287 0.24 -20.42 -19.41
C GLY D 287 -0.71 -21.58 -19.57
N GLU D 288 -0.20 -22.70 -20.11
CA GLU D 288 -1.03 -23.87 -20.33
C GLU D 288 -0.74 -24.93 -19.28
N ASP D 289 -1.80 -25.62 -18.87
CA ASP D 289 -1.81 -26.47 -17.71
C ASP D 289 -3.13 -27.21 -17.78
N ASN D 290 -3.05 -28.46 -18.22
CA ASN D 290 -4.21 -29.31 -18.44
C ASN D 290 -4.60 -30.12 -17.20
N SER D 291 -3.83 -29.96 -16.12
CA SER D 291 -4.04 -30.75 -14.89
C SER D 291 -5.48 -30.58 -14.35
N PRO D 292 -6.14 -31.69 -13.97
CA PRO D 292 -7.50 -31.55 -13.46
C PRO D 292 -7.49 -31.11 -12.01
N VAL D 293 -8.57 -30.46 -11.56
CA VAL D 293 -8.77 -30.29 -10.13
C VAL D 293 -9.20 -31.66 -9.58
N ILE D 294 -8.44 -32.21 -8.64
CA ILE D 294 -8.85 -33.50 -8.07
C ILE D 294 -9.36 -33.29 -6.65
N LEU D 295 -10.40 -34.02 -6.30
CA LEU D 295 -11.00 -33.87 -4.99
C LEU D 295 -10.01 -34.34 -3.94
N SER D 296 -9.65 -33.45 -3.01
CA SER D 296 -8.69 -33.83 -1.94
C SER D 296 -9.25 -34.85 -0.95
N GLY D 297 -10.45 -34.58 -0.43
CA GLY D 297 -11.03 -35.38 0.66
C GLY D 297 -10.14 -35.43 1.91
N PRO D 298 -10.21 -36.55 2.67
CA PRO D 298 -9.50 -36.68 3.94
C PRO D 298 -7.97 -36.72 3.74
N PRO D 299 -7.19 -36.35 4.78
CA PRO D 299 -5.75 -36.37 4.52
C PRO D 299 -5.21 -37.81 4.38
N GLN D 300 -4.16 -38.00 3.59
CA GLN D 300 -3.54 -39.32 3.42
C GLN D 300 -2.45 -39.66 4.47
N SER D 301 -2.05 -38.65 5.23
CA SER D 301 -1.05 -38.79 6.27
C SER D 301 -1.27 -37.75 7.36
N PHE D 302 -0.74 -38.04 8.56
CA PHE D 302 -0.72 -37.12 9.69
C PHE D 302 0.67 -37.23 10.24
N SER D 303 1.32 -36.10 10.47
CA SER D 303 2.63 -36.08 11.14
C SER D 303 2.74 -34.99 12.20
N GLU D 304 3.72 -35.15 13.08
CA GLU D 304 4.07 -34.16 14.10
C GLU D 304 5.56 -34.04 14.07
N GLU D 305 6.06 -32.81 14.13
CA GLU D 305 7.50 -32.66 14.20
C GLU D 305 8.02 -31.58 15.12
N ASP D 306 9.30 -31.69 15.46
CA ASP D 306 9.94 -30.64 16.23
C ASP D 306 11.40 -30.53 15.81
N SER D 307 11.88 -29.30 15.79
CA SER D 307 13.27 -29.01 15.46
C SER D 307 13.93 -28.44 16.71
N PHE D 308 15.23 -28.64 16.82
CA PHE D 308 15.96 -28.25 18.02
C PHE D 308 17.44 -28.12 17.68
N LYS D 309 18.22 -27.44 18.52
CA LYS D 309 19.64 -27.32 18.24
C LYS D 309 20.40 -28.65 18.38
N LYS D 310 20.03 -29.47 19.36
CA LYS D 310 20.76 -30.71 19.62
C LYS D 310 19.94 -31.77 20.35
N CYS D 311 19.95 -32.98 19.81
CA CYS D 311 19.55 -34.20 20.51
C CYS D 311 20.68 -35.20 20.26
N SER D 312 21.30 -35.65 21.35
CA SER D 312 22.50 -36.51 21.24
C SER D 312 22.45 -37.78 22.11
N SER D 313 21.25 -38.12 22.57
CA SER D 313 21.09 -39.25 23.45
C SER D 313 19.68 -39.81 23.43
N GLU D 314 19.54 -41.02 24.01
CA GLU D 314 18.62 -41.94 23.29
C GLU D 314 17.42 -42.00 24.25
N VAL D 315 17.68 -42.00 25.61
CA VAL D 315 16.80 -41.04 26.52
C VAL D 315 16.03 -39.99 25.70
N GLU D 316 16.75 -39.14 24.96
CA GLU D 316 16.24 -37.79 24.80
C GLU D 316 15.43 -38.03 23.52
N ALA D 317 15.96 -38.86 22.60
CA ALA D 317 15.20 -39.29 21.39
C ALA D 317 13.75 -39.39 21.85
N LYS D 318 13.44 -40.05 22.97
CA LYS D 318 12.76 -41.32 23.00
C LYS D 318 11.60 -40.52 23.64
N ASN D 319 11.97 -39.65 24.60
CA ASN D 319 11.09 -38.65 25.21
C ASN D 319 10.46 -37.67 24.23
N LYS D 320 11.25 -37.16 23.27
CA LYS D 320 10.66 -36.35 22.20
C LYS D 320 9.71 -37.15 21.31
N ILE D 321 10.12 -38.37 20.93
CA ILE D 321 9.27 -39.25 20.11
C ILE D 321 7.95 -39.58 20.82
N GLU D 322 8.03 -39.83 22.13
CA GLU D 322 6.84 -40.05 22.96
C GLU D 322 5.86 -38.87 22.88
N GLU D 323 6.40 -37.66 22.99
CA GLU D 323 5.60 -36.44 22.93
C GLU D 323 4.93 -36.26 21.54
N LEU D 324 5.69 -36.50 20.47
CA LEU D 324 5.19 -36.43 19.11
C LEU D 324 4.09 -37.46 18.89
N LEU D 325 4.34 -38.70 19.28
CA LEU D 325 3.36 -39.78 19.14
C LEU D 325 2.05 -39.49 19.89
N ALA D 326 2.14 -38.93 21.09
CA ALA D 326 0.95 -38.64 21.90
C ALA D 326 0.00 -37.67 21.20
N SER D 327 0.57 -36.62 20.58
CA SER D 327 -0.16 -35.71 19.67
C SER D 327 -0.81 -36.45 18.49
N LEU D 328 -0.08 -37.36 17.86
CA LEU D 328 -0.59 -38.13 16.72
C LEU D 328 -1.76 -39.04 17.08
N LEU D 329 -1.72 -39.58 18.29
CA LEU D 329 -2.67 -40.62 18.65
C LEU D 329 -4.14 -40.28 19.07
N ASN D 330 -4.42 -39.25 19.88
CA ASN D 330 -5.05 -37.94 19.49
C ASN D 330 -5.77 -38.06 18.09
N ARG D 331 -5.04 -38.05 16.96
CA ARG D 331 -5.46 -37.00 15.93
C ARG D 331 -6.14 -38.06 15.04
N VAL D 332 -5.56 -39.27 15.15
CA VAL D 332 -6.08 -40.53 14.62
C VAL D 332 -7.43 -40.95 15.22
N CYS D 333 -7.54 -40.82 16.54
CA CYS D 333 -8.78 -41.17 17.25
C CYS D 333 -9.96 -40.31 16.83
N GLN D 334 -9.66 -39.20 16.14
CA GLN D 334 -10.64 -38.15 15.98
C GLN D 334 -10.92 -37.66 14.50
N ASP D 335 -10.01 -37.88 13.57
CA ASP D 335 -10.18 -39.03 12.51
C ASP D 335 -10.95 -40.32 12.95
N GLY D 336 -11.70 -40.87 11.99
CA GLY D 336 -12.35 -42.18 12.14
C GLY D 336 -11.47 -43.38 11.70
N ARG D 337 -10.51 -43.13 10.79
CA ARG D 337 -9.67 -44.19 10.17
C ARG D 337 -8.48 -44.68 11.02
N LYS D 338 -7.78 -45.69 10.53
CA LYS D 338 -6.63 -46.23 11.22
C LYS D 338 -5.37 -46.33 10.33
N PRO D 339 -4.20 -45.92 10.87
CA PRO D 339 -2.96 -46.00 10.08
C PRO D 339 -2.42 -47.42 10.02
N HIS D 340 -1.92 -47.81 8.86
CA HIS D 340 -1.34 -49.15 8.66
C HIS D 340 0.18 -49.12 8.51
N THR D 341 0.76 -47.92 8.44
CA THR D 341 2.22 -47.78 8.50
C THR D 341 2.65 -46.58 9.35
N VAL D 342 3.83 -46.67 9.93
CA VAL D 342 4.38 -45.57 10.71
C VAL D 342 5.75 -45.26 10.15
N ARG D 343 6.10 -43.98 10.14
CA ARG D 343 7.37 -43.52 9.61
C ARG D 343 8.05 -42.63 10.65
N LEU D 344 9.35 -42.83 10.82
CA LEU D 344 10.18 -41.97 11.65
C LEU D 344 11.13 -41.19 10.75
N ILE D 345 11.20 -39.88 11.00
CA ILE D 345 12.05 -38.98 10.24
C ILE D 345 13.07 -38.26 11.11
N ILE D 346 14.31 -38.21 10.62
CA ILE D 346 15.38 -37.50 11.34
C ILE D 346 16.06 -36.49 10.42
N ARG D 347 16.70 -35.50 11.05
CA ARG D 347 17.66 -34.65 10.38
C ARG D 347 18.92 -34.60 11.26
N ARG D 348 20.05 -34.93 10.64
CA ARG D 348 21.33 -34.94 11.30
C ARG D 348 22.00 -33.57 11.20
N TYR D 349 22.87 -33.28 12.14
CA TYR D 349 23.60 -32.03 12.13
C TYR D 349 24.99 -32.26 11.56
N SER D 350 25.47 -31.30 10.78
CA SER D 350 26.87 -31.29 10.36
C SER D 350 27.44 -29.90 10.05
N SER D 351 28.77 -29.83 9.96
CA SER D 351 29.46 -28.64 9.48
C SER D 351 30.20 -28.96 8.19
N GLY D 356 19.94 -33.57 4.20
CA GLY D 356 18.52 -33.78 4.01
C GLY D 356 17.85 -34.46 5.19
N ARG D 357 16.61 -34.89 4.99
CA ARG D 357 15.89 -35.71 5.95
C ARG D 357 16.09 -37.17 5.65
N GLU D 358 16.18 -38.00 6.70
CA GLU D 358 16.46 -39.50 6.46
C GLU D 358 15.12 -40.03 7.15
N SER D 359 14.61 -41.16 6.60
CA SER D 359 13.43 -41.78 7.14
C SER D 359 13.47 -43.31 7.08
N ARG D 360 12.67 -43.90 7.97
CA ARG D 360 12.44 -45.33 8.02
C ARG D 360 10.99 -45.52 8.40
N GLN D 361 10.36 -46.53 7.82
CA GLN D 361 8.97 -46.82 8.07
C GLN D 361 8.74 -48.32 8.03
N CYS D 362 7.58 -48.73 8.55
CA CYS D 362 7.25 -50.14 8.61
C CYS D 362 5.75 -50.31 8.86
N PRO D 363 5.20 -51.46 8.46
CA PRO D 363 3.82 -51.79 8.77
C PRO D 363 3.61 -51.76 10.28
N ILE D 364 2.48 -51.22 10.72
CA ILE D 364 2.03 -51.36 12.12
C ILE D 364 1.33 -52.71 12.26
N PRO D 365 1.73 -53.52 13.28
CA PRO D 365 1.11 -54.85 13.49
C PRO D 365 -0.41 -54.80 13.76
N SER D 366 -1.17 -55.79 13.26
CA SER D 366 -2.63 -55.86 13.49
C SER D 366 -2.92 -55.96 14.99
N HIS D 367 -3.64 -54.98 15.55
CA HIS D 367 -3.71 -54.79 17.02
C HIS D 367 -2.31 -55.01 17.59
N VAL D 368 -1.37 -54.07 17.49
CA VAL D 368 -1.48 -52.61 17.60
C VAL D 368 -2.58 -51.79 16.91
N ILE D 369 -2.92 -52.08 15.66
CA ILE D 369 -3.94 -51.32 14.89
C ILE D 369 -5.35 -51.26 15.56
N GLN D 370 -5.49 -51.84 16.75
CA GLN D 370 -6.52 -51.40 17.69
C GLN D 370 -5.93 -51.57 19.10
N LYS D 371 -5.50 -50.50 19.79
CA LYS D 371 -5.66 -49.06 19.45
C LYS D 371 -7.09 -48.57 19.72
N LEU D 372 -7.60 -48.95 20.90
CA LEU D 372 -9.01 -48.79 21.25
C LEU D 372 -9.32 -47.36 21.69
N ASN D 376 -9.76 -49.25 26.02
CA ASN D 376 -8.88 -48.24 25.40
C ASN D 376 -7.42 -48.45 25.84
N TYR D 377 -6.82 -49.54 25.34
CA TYR D 377 -5.53 -50.06 25.84
C TYR D 377 -4.31 -49.16 25.67
N ASP D 378 -3.19 -49.55 26.28
CA ASP D 378 -1.95 -48.81 26.15
C ASP D 378 -1.29 -49.06 24.78
N VAL D 379 -1.53 -48.15 23.85
CA VAL D 379 -0.97 -48.24 22.50
C VAL D 379 0.43 -47.64 22.49
N MSE D 380 0.71 -46.84 23.51
CA MSE D 380 1.93 -46.03 23.61
C MSE D 380 3.21 -46.84 23.61
O MSE D 380 4.07 -46.62 22.76
CB MSE D 380 1.85 -45.13 24.85
CG MSE D 380 2.82 -43.98 24.88
SE MSE D 380 2.46 -42.59 23.53
CE MSE D 380 3.27 -41.10 24.50
N THR D 381 3.35 -47.79 24.54
CA THR D 381 4.58 -48.58 24.65
C THR D 381 4.89 -49.51 23.45
N PRO D 382 3.87 -50.21 22.88
CA PRO D 382 4.15 -50.94 21.64
C PRO D 382 4.57 -50.03 20.47
N MSE D 383 3.91 -48.88 20.33
CA MSE D 383 4.24 -47.90 19.29
C MSE D 383 5.64 -47.28 19.44
O MSE D 383 6.39 -47.21 18.48
CB MSE D 383 3.16 -46.80 19.22
CG MSE D 383 1.95 -47.16 18.36
SE MSE D 383 2.40 -47.69 16.51
CE MSE D 383 3.78 -46.39 16.09
N VAL D 384 5.96 -46.84 20.66
CA VAL D 384 7.32 -46.41 21.01
C VAL D 384 8.38 -47.49 20.68
N ASP D 385 8.10 -48.75 21.06
CA ASP D 385 9.01 -49.85 20.75
C ASP D 385 9.35 -49.96 19.26
N ILE D 386 8.32 -49.99 18.43
CA ILE D 386 8.48 -49.95 16.98
C ILE D 386 9.34 -48.73 16.56
N LEU D 387 9.06 -47.57 17.14
CA LEU D 387 9.75 -46.33 16.71
C LEU D 387 11.21 -46.29 17.10
N MSE D 388 11.52 -46.81 18.29
CA MSE D 388 12.91 -46.90 18.74
C MSE D 388 13.70 -47.92 17.93
O MSE D 388 14.91 -47.75 17.75
CB MSE D 388 12.99 -47.18 20.25
CG MSE D 388 12.41 -46.08 21.11
SE MSE D 388 12.88 -44.26 20.47
CE MSE D 388 14.82 -44.40 20.72
N LYS D 389 13.03 -48.96 17.43
CA LYS D 389 13.67 -49.89 16.50
C LYS D 389 14.02 -49.17 15.20
N LEU D 390 13.04 -48.44 14.65
CA LEU D 390 13.26 -47.58 13.48
C LEU D 390 14.42 -46.60 13.74
N PHE D 391 14.41 -45.97 14.92
CA PHE D 391 15.44 -45.02 15.33
C PHE D 391 16.84 -45.61 15.26
N ARG D 392 17.03 -46.76 15.92
CA ARG D 392 18.36 -47.33 16.03
C ARG D 392 18.80 -48.10 14.78
N ASN D 393 17.89 -48.23 13.81
CA ASN D 393 18.27 -48.62 12.45
C ASN D 393 18.87 -47.47 11.66
N MSE D 394 18.45 -46.23 11.96
CA MSE D 394 19.05 -45.04 11.31
C MSE D 394 20.43 -44.71 11.93
O MSE D 394 21.23 -44.08 11.26
CB MSE D 394 18.13 -43.83 11.22
CG MSE D 394 17.44 -43.89 9.92
SE MSE D 394 16.05 -42.55 9.76
CE MSE D 394 14.95 -42.98 11.34
N VAL D 395 20.54 -44.95 13.25
CA VAL D 395 21.08 -43.88 14.16
C VAL D 395 21.86 -44.83 15.07
N ASN D 396 23.15 -44.60 15.23
CA ASN D 396 23.92 -45.54 16.01
C ASN D 396 24.75 -44.79 17.04
N VAL D 397 24.77 -45.23 18.30
CA VAL D 397 23.79 -44.97 19.38
C VAL D 397 24.82 -45.40 20.46
N LYS D 398 26.09 -45.42 20.02
CA LYS D 398 27.15 -46.19 20.67
C LYS D 398 28.55 -45.58 21.05
N MSE D 399 29.17 -44.62 20.34
N MSE D 399 29.15 -44.63 20.31
CA MSE D 399 28.81 -43.94 19.05
CA MSE D 399 28.75 -43.97 19.02
C MSE D 399 27.94 -42.68 19.12
C MSE D 399 27.92 -42.67 19.14
O MSE D 399 26.70 -42.73 19.04
O MSE D 399 26.68 -42.70 19.13
CB MSE D 399 28.47 -44.89 17.92
CB MSE D 399 28.19 -44.92 17.96
CG MSE D 399 29.63 -45.82 17.60
CG MSE D 399 29.11 -46.06 17.54
SE MSE D 399 31.40 -45.08 18.14
SE MSE D 399 30.57 -45.57 16.32
CE MSE D 399 31.49 -43.61 16.83
CE MSE D 399 31.99 -45.01 17.69
N PRO D 400 28.61 -41.51 19.26
CA PRO D 400 28.00 -40.18 19.33
C PRO D 400 27.22 -39.78 18.08
N PHE D 401 26.15 -39.03 18.29
CA PHE D 401 25.32 -38.52 17.19
C PHE D 401 24.74 -37.14 17.53
N HIS D 402 24.17 -36.47 16.52
CA HIS D 402 23.65 -35.10 16.68
C HIS D 402 22.50 -34.89 15.70
N LEU D 403 21.28 -34.93 16.24
CA LEU D 403 20.01 -34.66 15.53
C LEU D 403 19.78 -33.15 15.73
N THR D 404 19.24 -32.44 14.76
CA THR D 404 18.19 -31.47 14.93
C THR D 404 16.88 -31.43 14.15
N LEU D 405 16.32 -32.51 13.69
CA LEU D 405 14.93 -32.76 13.97
C LEU D 405 14.48 -34.18 14.16
N LEU D 406 13.26 -34.30 14.69
CA LEU D 406 12.52 -35.54 14.72
C LEU D 406 11.08 -35.31 14.26
N SER D 407 10.56 -36.20 13.41
CA SER D 407 9.12 -36.26 13.15
C SER D 407 8.64 -37.68 13.07
N VAL D 408 7.36 -37.85 13.42
CA VAL D 408 6.69 -39.14 13.36
C VAL D 408 5.51 -38.92 12.43
N CYS D 409 5.31 -39.85 11.52
CA CYS D 409 4.23 -39.77 10.56
C CYS D 409 3.41 -41.06 10.56
N PHE D 410 2.09 -40.92 10.59
CA PHE D 410 1.17 -42.05 10.37
C PHE D 410 0.61 -41.94 8.96
N CYS D 411 0.65 -43.02 8.19
CA CYS D 411 0.10 -43.02 6.84
C CYS D 411 -0.42 -44.39 6.44
N ASN D 412 -0.77 -44.55 5.16
CA ASN D 412 -1.46 -45.75 4.65
C ASN D 412 -2.71 -45.98 5.53
N LEU D 413 -3.60 -44.99 5.49
CA LEU D 413 -4.77 -44.92 6.36
C LEU D 413 -5.94 -45.68 5.74
N LYS D 414 -6.65 -46.45 6.56
CA LYS D 414 -7.78 -47.25 6.08
C LYS D 414 -8.98 -47.24 7.04
N ALA D 415 -10.18 -47.33 6.49
CA ALA D 415 -11.39 -47.43 7.31
C ALA D 415 -11.61 -48.89 7.75
CA CA G . 3.94 33.28 10.04
C1 GOL H . -11.11 14.88 8.15
O1 GOL H . -12.36 15.47 7.98
C2 GOL H . -10.32 15.65 9.17
O2 GOL H . -8.98 15.26 9.10
C3 GOL H . -10.86 15.34 10.58
O3 GOL H . -10.69 16.49 11.37
CA CA I . -4.75 29.58 -10.38
CA CA J . 3.32 19.35 -5.59
PB ADI K . 2.08 17.71 -8.25
O1B ADI K . 1.26 17.92 -9.52
O2B ADI K . 3.11 16.62 -8.39
O3B ADI K . 2.62 18.97 -7.63
PA ADI K . 0.52 17.48 -5.75
O1A ADI K . 1.71 17.81 -4.89
O2A ADI K . -0.31 16.35 -5.24
O3A ADI K . 0.97 17.06 -7.26
O5' ADI K . -0.38 18.78 -6.08
C5' ADI K . -1.03 19.59 -5.11
C4' ADI K . -2.37 19.04 -4.58
O4' ADI K . -3.13 20.07 -3.93
C3' ADI K . -3.37 18.44 -5.56
C2' ADI K . -4.69 18.60 -4.81
C1' ADI K . -4.37 19.49 -3.59
N9 ADI K . -5.51 20.44 -3.44
C8 ADI K . -6.46 20.39 -2.50
N7 ADI K . -7.41 21.35 -2.68
C5 ADI K . -7.06 22.01 -3.79
C6 ADI K . -7.61 23.14 -4.58
N6 ADI K . -8.74 23.76 -4.19
N1 ADI K . -6.92 23.54 -5.69
C2 ADI K . -5.79 22.94 -6.10
N3 ADI K . -5.23 21.92 -5.43
C4 ADI K . -5.81 21.42 -4.30
CA CA L . -9.26 27.72 -3.98
CA CA M . -2.62 -16.89 1.88
CA CA N . -0.87 -18.48 -0.73
CA CA O . -36.91 -15.50 -23.38
PB ADI P . -0.83 -14.02 2.24
O1B ADI P . 0.44 -13.52 1.57
O2B ADI P . -1.78 -12.89 2.62
O3B ADI P . -1.52 -15.15 1.50
PA ADI P . -0.11 -16.10 4.17
O1A ADI P . -1.42 -16.80 3.93
O2A ADI P . 0.40 -16.03 5.58
O3A ADI P . -0.27 -14.57 3.66
O5' ADI P . 1.06 -16.76 3.27
C5' ADI P . 1.29 -18.19 3.28
C4' ADI P . 2.27 -18.64 4.39
O4' ADI P . 2.99 -19.83 4.05
C3' ADI P . 3.35 -17.63 4.75
C2' ADI P . 4.49 -18.52 5.25
C1' ADI P . 4.05 -19.97 5.00
N9 ADI P . 5.26 -20.79 4.65
C8 ADI P . 5.83 -21.66 5.50
N7 ADI P . 6.94 -22.22 4.98
C5 ADI P . 7.12 -21.70 3.76
C6 ADI P . 8.12 -21.89 2.67
N6 ADI P . 9.14 -22.74 2.83
N1 ADI P . 7.96 -21.17 1.55
C2 ADI P . 6.93 -20.30 1.40
N3 ADI P . 5.99 -20.09 2.35
C4 ADI P . 6.01 -20.75 3.54
CA CA Q . 3.21 -30.24 16.16
#